data_6LNW
#
_entry.id   6LNW
#
_cell.length_a   101.158
_cell.length_b   101.158
_cell.length_c   196.851
_cell.angle_alpha   90.000
_cell.angle_beta   90.000
_cell.angle_gamma   120.000
#
_symmetry.space_group_name_H-M   'P 31 2 1'
#
loop_
_entity.id
_entity.type
_entity.pdbx_description
1 polymer 'Accessory secretory protein Asp1'
2 polymer 'Accessory secretory protein Asp2'
3 polymer 'Accessory secretory protein Asp3'
4 water water
#
loop_
_entity_poly.entity_id
_entity_poly.type
_entity_poly.pdbx_seq_one_letter_code
_entity_poly.pdbx_strand_id
1 'polypeptide(L)'
;MYYFIPAWYGSERTWHADITPWYFSHFRLEFDDTFHQIRLFQEQDIDSRLLVLAYQPHLRYFLYRHGVLEMDTYSVFDVM
QDFHNLHTQVLSIRDIEWDDDCEFIYSPFTIIVQKNGKKFAKVEHGVEGFISDIQYFEPNGQIHMHHIVDDRGFVSSIIF
FEDGQAAYQEYLNLKGEWQFRERLKEGGQVEVNPILGYRFKMLTYQNMGDLVAEFFENYLQTYVKDQDIFMLPSHSHHDQ
LVLDRLPSTNPKLLSLFIGRNPQDTFRDLDVTFEKSDLILVDREDSLRLLQELYPERMHQCYHLSSFDTRLRLGRSQTKK
ESIIYFQLDFEQGIDNQALLQVLSFVAENKDTEVIFGAFAASQEQMNEVEGIVESFIQENIQSENLGKAIDYGDAENPLE
ENQHQDLRLQFVNLNDELDLIKTLEFVRLIVDLNRHPHLYTQIAGISAGIPQINLVETVYVEHLKNGYLLADVTEFSKAA
HYYTDRLKEWNESLIYSIDKIKEHTGQQFLGKLEKWIEEVKNVKGT
;
A
2 'polypeptide(L)'
;MSKELNILQIGLANWENHYDIPENMSWYYFYPNSSKALREIIEKEDINRFHAVLIEDGQYSRDLFSYVKYFEPYTLFYNQ
NLQINDREVVDFLKKRCAQAIDFLSPQQLINDLSKSLFGGGYGDKLFPPTIQVNPNFTGAISYQGLDYVSLEGEFGQDFA
QLAYWAYNIMVQKTLPIELWLEYEKEGNCDFRLVIRKMWSGSVDDFFEEVIVSEKDLEQALFMDSRDGDYFLSISVEARG
RGTIKLGNLHQRWSRKQFGKFVLGGNILHDSKRDEINYFFHPGDFKPPLTVYFAGYRPAEGFEGYFMMKTLGCPFILFSD
PRLEGGAFYLGTDELEGKVKDTITHYLDYLGFDHKDLILSGLSMGTFPALYYGASFEPHAIIVGKPLANLGTIASRGRLD
APGVSNLAFDCLIHHTGGTSSQDMTELDQRFWKIFKQANFSKTTFGLSYMKDEEMDPQAYEQLVSYLCNTGAKILSKGTA
GRHNDDTDTNISWFLHFYRMVLETGFGREKR
;
B
3 'polypeptide(L)'
;MIITQRQSIHWGEVGGTYMYGTTVSYYPDKSVRLYNPLLPSGEILKTWFSSVNYQAARTQPQLPLLKRKQEYQLSLVFDC
QPENGVYTKITFFDRYGDILEKKVEKVKDFIFTYPEDSYTYRVSLLSAGFESLTFYHFSIKEIRSVLEHHHHHH
;
C
#
# COMPACT_ATOMS: atom_id res chain seq x y z
N MET A 1 5.50 23.12 21.30
CA MET A 1 5.01 22.69 19.97
C MET A 1 6.11 22.42 18.91
N TYR A 2 6.32 21.14 18.57
CA TYR A 2 7.28 20.75 17.54
C TYR A 2 6.61 20.65 16.18
N TYR A 3 7.31 21.14 15.14
CA TYR A 3 6.82 21.06 13.76
C TYR A 3 7.77 20.18 12.93
N PHE A 4 7.25 19.09 12.38
CA PHE A 4 8.01 18.24 11.46
C PHE A 4 7.73 18.63 10.01
N ILE A 5 8.78 18.92 9.26
CA ILE A 5 8.64 19.17 7.83
C ILE A 5 9.37 18.09 7.06
N PRO A 6 8.71 17.01 6.69
CA PRO A 6 9.41 15.83 6.15
C PRO A 6 9.92 16.01 4.73
N ALA A 7 10.83 15.12 4.36
CA ALA A 7 11.41 15.11 3.02
C ALA A 7 10.81 13.97 2.21
N TRP A 8 9.49 14.06 2.04
CA TRP A 8 8.74 13.07 1.26
C TRP A 8 8.41 13.74 -0.07
N TYR A 9 9.34 13.63 -1.02
CA TYR A 9 9.23 14.25 -2.35
C TYR A 9 9.32 13.18 -3.44
N GLY A 10 8.98 13.60 -4.67
CA GLY A 10 8.98 12.67 -5.77
C GLY A 10 10.35 12.44 -6.38
N SER A 11 10.45 11.38 -7.19
CA SER A 11 11.67 11.08 -7.94
C SER A 11 11.78 11.98 -9.17
N GLU A 12 10.77 11.92 -10.06
CA GLU A 12 10.87 12.66 -11.31
C GLU A 12 10.59 14.14 -11.09
N ARG A 13 9.43 14.47 -10.51
CA ARG A 13 9.09 15.84 -10.19
C ARG A 13 9.09 15.99 -8.67
N THR A 14 9.83 16.98 -8.19
CA THR A 14 10.11 17.02 -6.77
C THR A 14 8.85 17.32 -5.97
N TRP A 15 8.04 18.24 -6.44
CA TRP A 15 6.85 18.62 -5.70
C TRP A 15 5.67 17.69 -5.94
N HIS A 16 5.87 16.53 -6.55
CA HIS A 16 4.77 15.64 -6.90
C HIS A 16 5.11 14.22 -6.47
N ALA A 17 4.28 13.65 -5.60
CA ALA A 17 4.52 12.28 -5.13
C ALA A 17 4.56 11.32 -6.31
N ASP A 18 5.28 10.21 -6.14
CA ASP A 18 5.31 9.20 -7.19
C ASP A 18 3.99 8.47 -7.24
N ILE A 19 3.41 8.38 -8.41
CA ILE A 19 2.20 7.60 -8.65
C ILE A 19 2.69 6.30 -9.27
N THR A 20 2.89 5.29 -8.45
CA THR A 20 3.24 3.99 -9.00
C THR A 20 2.21 2.95 -8.56
N PRO A 21 1.90 1.99 -9.42
CA PRO A 21 0.94 0.95 -9.06
C PRO A 21 1.53 -0.09 -8.12
N TRP A 22 0.62 -0.84 -7.50
CA TRP A 22 0.99 -1.80 -6.46
C TRP A 22 1.94 -2.89 -6.97
N TYR A 23 1.78 -3.32 -8.21
CA TYR A 23 2.62 -4.40 -8.72
C TYR A 23 3.97 -3.92 -9.24
N PHE A 24 4.19 -2.61 -9.31
CA PHE A 24 5.45 -2.09 -9.84
C PHE A 24 6.64 -2.69 -9.09
N SER A 25 7.63 -3.17 -9.84
CA SER A 25 8.74 -3.93 -9.27
C SER A 25 9.88 -3.00 -8.90
N HIS A 26 9.78 -2.40 -7.71
CA HIS A 26 10.85 -1.54 -7.23
C HIS A 26 10.76 -1.42 -5.71
N PHE A 27 11.84 -1.71 -5.01
CA PHE A 27 11.88 -1.52 -3.57
C PHE A 27 12.20 -0.06 -3.27
N ARG A 28 11.33 0.60 -2.52
CA ARG A 28 11.52 1.98 -2.11
C ARG A 28 11.84 2.01 -0.62
N LEU A 29 12.88 2.75 -0.24
CA LEU A 29 13.17 2.98 1.19
C LEU A 29 12.31 4.16 1.61
N GLU A 30 11.17 3.88 2.22
CA GLU A 30 10.27 4.90 2.72
C GLU A 30 10.60 5.30 4.15
N PHE A 31 11.05 4.36 4.96
CA PHE A 31 11.50 4.67 6.32
C PHE A 31 12.65 5.67 6.29
N ASP A 32 12.61 6.64 7.21
CA ASP A 32 13.72 7.57 7.41
C ASP A 32 13.74 8.04 8.86
N ASP A 33 14.78 8.81 9.19
CA ASP A 33 14.90 9.38 10.54
C ASP A 33 13.63 10.11 10.96
N THR A 34 12.93 10.71 10.00
CA THR A 34 11.75 11.46 10.35
C THR A 34 10.65 10.54 10.87
N PHE A 35 10.47 9.39 10.22
CA PHE A 35 9.47 8.44 10.68
C PHE A 35 9.80 7.93 12.08
N HIS A 36 11.07 7.61 12.31
CA HIS A 36 11.49 7.20 13.65
C HIS A 36 11.21 8.32 14.66
N GLN A 37 11.56 9.56 14.30
CA GLN A 37 11.33 10.70 15.19
C GLN A 37 9.84 10.92 15.46
N ILE A 38 9.00 10.86 14.42
CA ILE A 38 7.57 11.08 14.59
C ILE A 38 6.97 10.04 15.54
N ARG A 39 7.23 8.76 15.26
CA ARG A 39 6.79 7.70 16.15
C ARG A 39 7.28 7.93 17.57
N LEU A 40 8.52 8.37 17.72
CA LEU A 40 9.07 8.61 19.05
C LEU A 40 8.30 9.70 19.81
N PHE A 41 8.13 10.87 19.18
CA PHE A 41 7.39 11.95 19.83
C PHE A 41 5.96 11.54 20.18
N GLN A 42 5.36 10.68 19.35
CA GLN A 42 4.00 10.24 19.62
C GLN A 42 3.92 9.37 20.88
N GLU A 43 4.80 8.38 21.00
CA GLU A 43 4.83 7.55 22.20
C GLU A 43 4.98 8.41 23.46
N GLN A 44 5.71 9.52 23.36
CA GLN A 44 5.98 10.37 24.52
C GLN A 44 4.95 11.47 24.70
N ASP A 45 3.91 11.51 23.88
CA ASP A 45 2.84 12.51 23.95
C ASP A 45 3.31 13.93 23.73
N ILE A 46 4.43 14.13 23.04
CA ILE A 46 4.92 15.48 22.81
C ILE A 46 4.04 16.18 21.78
N ASP A 47 3.65 17.42 22.07
CA ASP A 47 2.88 18.23 21.14
C ASP A 47 3.61 18.44 19.83
N SER A 48 3.13 17.85 18.74
CA SER A 48 3.78 17.96 17.44
C SER A 48 2.75 18.06 16.33
N ARG A 49 3.21 18.63 15.21
CA ARG A 49 2.42 18.78 13.99
C ARG A 49 3.27 18.42 12.79
N LEU A 50 2.61 18.13 11.66
CA LEU A 50 3.27 17.65 10.45
C LEU A 50 2.92 18.58 9.29
N LEU A 51 3.94 19.20 8.69
CA LEU A 51 3.76 20.04 7.50
C LEU A 51 4.19 19.26 6.28
N VAL A 52 3.24 18.86 5.43
CA VAL A 52 3.57 18.19 4.19
C VAL A 52 3.59 19.25 3.12
N LEU A 53 4.76 19.49 2.54
CA LEU A 53 4.87 20.49 1.48
C LEU A 53 4.61 19.93 0.08
N ALA A 54 4.87 18.64 -0.16
CA ALA A 54 4.75 18.08 -1.51
C ALA A 54 3.32 17.58 -1.74
N TYR A 55 2.98 17.40 -3.04
CA TYR A 55 1.64 16.96 -3.44
C TYR A 55 1.48 15.49 -3.13
N GLN A 56 0.63 15.17 -2.15
CA GLN A 56 0.54 13.82 -1.60
C GLN A 56 -0.91 13.35 -1.61
N PRO A 57 -1.45 13.07 -2.81
CA PRO A 57 -2.84 12.59 -2.90
C PRO A 57 -3.10 11.34 -2.11
N HIS A 58 -2.08 10.54 -1.84
CA HIS A 58 -2.25 9.29 -1.12
C HIS A 58 -1.54 9.38 0.21
N LEU A 59 -1.56 10.57 0.78
CA LEU A 59 -0.88 10.83 2.04
C LEU A 59 -1.37 9.89 3.14
N ARG A 60 -2.68 9.62 3.18
CA ARG A 60 -3.22 9.03 4.40
C ARG A 60 -2.82 7.56 4.52
N TYR A 61 -2.83 6.83 3.41
CA TYR A 61 -2.34 5.45 3.49
C TYR A 61 -0.85 5.43 3.72
N PHE A 62 -0.12 6.37 3.11
CA PHE A 62 1.31 6.49 3.36
C PHE A 62 1.59 6.60 4.85
N LEU A 63 0.88 7.50 5.55
CA LEU A 63 1.10 7.66 6.98
C LEU A 63 0.62 6.45 7.76
N TYR A 64 -0.49 5.85 7.33
CA TYR A 64 -1.03 4.69 8.02
C TYR A 64 -0.08 3.51 7.93
N ARG A 65 0.48 3.30 6.74
CA ARG A 65 1.49 2.27 6.51
C ARG A 65 2.65 2.43 7.47
N HIS A 66 3.02 3.67 7.78
CA HIS A 66 4.13 3.97 8.66
C HIS A 66 3.69 4.21 10.09
N GLY A 67 2.43 3.95 10.41
CA GLY A 67 1.97 4.03 11.77
C GLY A 67 1.88 5.42 12.36
N VAL A 68 1.62 6.45 11.54
CA VAL A 68 1.65 7.82 12.04
C VAL A 68 0.43 8.60 11.55
N LEU A 69 -0.66 7.89 11.24
CA LEU A 69 -1.84 8.56 10.70
C LEU A 69 -2.47 9.51 11.70
N GLU A 70 -2.36 9.20 13.00
CA GLU A 70 -2.92 10.01 14.10
C GLU A 70 -2.20 11.34 14.28
N MET A 71 -1.15 11.61 13.52
CA MET A 71 -0.51 12.91 13.61
C MET A 71 -1.49 14.00 13.23
N ASP A 72 -1.27 15.19 13.79
CA ASP A 72 -1.95 16.40 13.36
C ASP A 72 -1.29 16.86 12.06
N THR A 73 -1.95 16.66 10.92
CA THR A 73 -1.30 16.82 9.61
C THR A 73 -1.86 18.01 8.83
N TYR A 74 -0.94 18.81 8.29
CA TYR A 74 -1.27 19.95 7.41
C TYR A 74 -0.62 19.69 6.06
N SER A 75 -1.37 19.83 4.98
CA SER A 75 -0.85 19.63 3.65
C SER A 75 -1.00 20.92 2.88
N VAL A 76 0.13 21.53 2.53
CA VAL A 76 0.12 22.80 1.78
C VAL A 76 -0.73 22.68 0.51
N PHE A 77 -0.57 21.59 -0.26
CA PHE A 77 -1.37 21.44 -1.49
C PHE A 77 -2.85 21.34 -1.18
N ASP A 78 -3.22 20.64 -0.10
CA ASP A 78 -4.62 20.65 0.35
C ASP A 78 -5.17 22.07 0.46
N VAL A 79 -4.39 22.99 1.01
CA VAL A 79 -4.85 24.37 1.17
C VAL A 79 -4.91 25.07 -0.19
N MET A 80 -3.86 24.93 -1.01
CA MET A 80 -3.86 25.50 -2.35
C MET A 80 -5.07 25.08 -3.16
N GLN A 81 -5.40 23.80 -3.13
CA GLN A 81 -6.57 23.28 -3.81
C GLN A 81 -7.88 23.54 -3.06
N ASP A 82 -7.84 24.24 -1.92
CA ASP A 82 -9.07 24.70 -1.26
C ASP A 82 -9.87 23.50 -0.72
N PHE A 83 -9.17 22.58 -0.07
CA PHE A 83 -9.79 21.44 0.63
C PHE A 83 -10.03 21.81 2.09
N HIS A 84 -11.07 22.58 2.37
CA HIS A 84 -11.28 22.79 3.79
C HIS A 84 -12.32 21.81 4.35
N ASN A 85 -13.43 21.61 3.63
CA ASN A 85 -14.54 20.77 4.10
C ASN A 85 -14.61 19.52 3.22
N LEU A 86 -13.93 18.46 3.66
CA LEU A 86 -13.81 17.23 2.88
C LEU A 86 -14.97 16.28 3.14
N HIS A 87 -15.37 15.58 2.08
CA HIS A 87 -16.12 14.33 2.19
C HIS A 87 -15.15 13.20 1.91
N THR A 88 -15.04 12.25 2.84
CA THR A 88 -14.21 11.07 2.65
C THR A 88 -15.06 9.88 2.22
N GLN A 89 -14.52 9.05 1.34
CA GLN A 89 -15.09 7.73 1.12
C GLN A 89 -14.00 6.85 0.55
N VAL A 90 -14.14 5.54 0.74
CA VAL A 90 -13.26 4.60 0.07
C VAL A 90 -13.85 4.39 -1.31
N LEU A 91 -13.12 4.83 -2.33
CA LEU A 91 -13.65 4.80 -3.69
C LEU A 91 -13.82 3.37 -4.15
N SER A 92 -15.00 3.05 -4.64
CA SER A 92 -15.19 1.77 -5.31
C SER A 92 -15.41 2.04 -6.79
N ILE A 93 -15.07 1.05 -7.62
CA ILE A 93 -15.16 1.26 -9.06
C ILE A 93 -16.60 1.55 -9.50
N ARG A 94 -17.59 1.02 -8.78
CA ARG A 94 -19.00 1.28 -9.11
C ARG A 94 -19.46 2.68 -8.70
N ASP A 95 -18.63 3.43 -7.95
CA ASP A 95 -18.91 4.84 -7.68
C ASP A 95 -18.66 5.73 -8.89
N ILE A 96 -17.83 5.31 -9.82
CA ILE A 96 -17.57 6.05 -11.03
C ILE A 96 -18.72 5.81 -11.99
N GLU A 97 -19.14 6.87 -12.70
CA GLU A 97 -20.24 6.82 -13.68
C GLU A 97 -19.67 6.57 -15.05
N TRP A 98 -19.56 5.30 -15.42
CA TRP A 98 -19.02 4.91 -16.70
C TRP A 98 -20.03 5.13 -17.82
N ASP A 99 -19.51 5.52 -18.99
CA ASP A 99 -20.36 5.64 -20.16
C ASP A 99 -21.00 4.29 -20.48
N ASP A 100 -22.14 4.34 -21.15
CA ASP A 100 -23.01 3.16 -21.14
C ASP A 100 -22.53 2.05 -22.07
N ASP A 101 -21.47 2.26 -22.86
CA ASP A 101 -20.93 1.20 -23.69
C ASP A 101 -19.55 0.74 -23.21
N CYS A 102 -19.24 0.97 -21.94
CA CYS A 102 -17.99 0.50 -21.39
C CYS A 102 -18.02 -1.02 -21.16
N GLU A 103 -16.86 -1.63 -21.33
CA GLU A 103 -16.65 -3.07 -21.25
C GLU A 103 -15.47 -3.29 -20.32
N PHE A 104 -15.62 -4.15 -19.32
CA PHE A 104 -14.60 -4.28 -18.28
C PHE A 104 -13.82 -5.57 -18.49
N ILE A 105 -12.50 -5.49 -18.28
CA ILE A 105 -11.60 -6.63 -18.39
C ILE A 105 -10.68 -6.61 -17.16
N TYR A 106 -10.75 -7.65 -16.34
CA TYR A 106 -9.94 -7.74 -15.12
C TYR A 106 -8.69 -8.57 -15.43
N SER A 107 -7.52 -8.02 -15.20
CA SER A 107 -6.27 -8.75 -15.35
C SER A 107 -5.75 -9.12 -13.97
N PRO A 108 -4.70 -9.95 -13.88
CA PRO A 108 -4.08 -10.18 -12.58
C PRO A 108 -3.56 -8.90 -11.93
N PHE A 109 -3.52 -7.79 -12.66
CA PHE A 109 -2.81 -6.63 -12.21
C PHE A 109 -3.63 -5.36 -12.16
N THR A 110 -4.62 -5.21 -13.04
CA THR A 110 -5.34 -3.94 -13.12
C THR A 110 -6.70 -4.19 -13.74
N ILE A 111 -7.52 -3.14 -13.76
CA ILE A 111 -8.83 -3.18 -14.41
C ILE A 111 -8.77 -2.35 -15.69
N ILE A 112 -9.14 -2.98 -16.81
CA ILE A 112 -9.10 -2.37 -18.14
C ILE A 112 -10.52 -2.11 -18.60
N VAL A 113 -10.79 -0.88 -19.05
CA VAL A 113 -12.08 -0.49 -19.59
C VAL A 113 -11.91 -0.18 -21.07
N GLN A 114 -12.83 -0.68 -21.90
CA GLN A 114 -12.81 -0.43 -23.34
C GLN A 114 -14.13 0.19 -23.83
N LYS A 115 -14.06 0.94 -24.92
CA LYS A 115 -15.22 1.20 -25.77
C LYS A 115 -14.89 0.85 -27.22
N ASN A 116 -15.94 0.48 -27.97
CA ASN A 116 -15.86 0.15 -29.39
C ASN A 116 -14.65 -0.74 -29.65
N GLY A 117 -14.39 -1.65 -28.71
CA GLY A 117 -13.29 -2.59 -28.86
C GLY A 117 -11.91 -2.02 -28.70
N LYS A 118 -11.78 -0.77 -28.29
CA LYS A 118 -10.49 -0.14 -28.06
C LYS A 118 -10.34 0.25 -26.59
N LYS A 119 -9.10 0.18 -26.09
CA LYS A 119 -8.81 0.50 -24.70
C LYS A 119 -9.14 1.95 -24.38
N PHE A 120 -9.84 2.17 -23.27
CA PHE A 120 -10.43 3.46 -22.94
C PHE A 120 -9.94 4.02 -21.61
N ALA A 121 -9.90 3.21 -20.55
CA ALA A 121 -9.34 3.64 -19.27
C ALA A 121 -8.62 2.47 -18.62
N LYS A 122 -7.66 2.78 -17.75
CA LYS A 122 -7.05 1.78 -16.88
C LYS A 122 -7.12 2.25 -15.44
N VAL A 123 -7.72 1.44 -14.58
CA VAL A 123 -7.94 1.77 -13.18
C VAL A 123 -6.89 1.08 -12.32
N GLU A 124 -6.05 1.86 -11.66
CA GLU A 124 -4.92 1.31 -10.93
C GLU A 124 -5.09 1.46 -9.41
N HIS A 125 -4.41 0.57 -8.66
CA HIS A 125 -4.66 0.40 -7.25
C HIS A 125 -3.36 0.53 -6.45
N GLY A 126 -3.48 1.10 -5.24
CA GLY A 126 -2.36 1.24 -4.32
C GLY A 126 -2.12 -0.02 -3.49
N VAL A 127 -1.19 0.10 -2.53
CA VAL A 127 -0.74 -1.06 -1.77
C VAL A 127 -1.90 -1.70 -1.00
N GLU A 128 -2.70 -0.90 -0.32
CA GLU A 128 -3.83 -1.39 0.47
C GLU A 128 -5.12 -1.52 -0.34
N GLY A 129 -5.05 -1.40 -1.67
CA GLY A 129 -6.16 -1.74 -2.52
C GLY A 129 -7.05 -0.60 -2.95
N PHE A 130 -6.74 0.63 -2.55
CA PHE A 130 -7.57 1.76 -2.93
C PHE A 130 -7.26 2.15 -4.35
N ILE A 131 -8.19 2.89 -4.95
CA ILE A 131 -8.02 3.33 -6.34
C ILE A 131 -7.07 4.52 -6.36
N SER A 132 -5.93 4.33 -7.03
CA SER A 132 -4.79 5.21 -7.03
C SER A 132 -4.94 6.34 -8.05
N ASP A 133 -5.27 5.97 -9.29
CA ASP A 133 -5.23 6.84 -10.46
C ASP A 133 -5.96 6.10 -11.57
N ILE A 134 -6.47 6.85 -12.55
CA ILE A 134 -7.13 6.28 -13.73
C ILE A 134 -6.61 6.98 -14.97
N GLN A 135 -6.03 6.20 -15.91
CA GLN A 135 -5.56 6.73 -17.18
C GLN A 135 -6.65 6.56 -18.24
N TYR A 136 -6.88 7.60 -19.03
CA TYR A 136 -7.84 7.57 -20.12
C TYR A 136 -7.10 7.67 -21.44
N PHE A 137 -7.51 6.87 -22.43
CA PHE A 137 -6.76 6.74 -23.67
C PHE A 137 -7.57 7.19 -24.89
N GLU A 138 -6.84 7.67 -25.90
CA GLU A 138 -7.38 7.91 -27.23
C GLU A 138 -7.56 6.59 -27.99
N PRO A 139 -8.41 6.58 -29.03
CA PRO A 139 -8.55 5.34 -29.82
C PRO A 139 -7.26 4.88 -30.50
N ASN A 140 -6.32 5.79 -30.76
CA ASN A 140 -5.04 5.37 -31.30
C ASN A 140 -4.12 4.76 -30.25
N GLY A 141 -4.55 4.66 -29.00
CA GLY A 141 -3.76 4.04 -27.94
C GLY A 141 -2.95 5.00 -27.09
N GLN A 142 -2.83 6.27 -27.49
CA GLN A 142 -2.04 7.22 -26.71
C GLN A 142 -2.79 7.64 -25.44
N ILE A 143 -2.04 7.98 -24.39
CA ILE A 143 -2.67 8.50 -23.18
C ILE A 143 -3.35 9.83 -23.50
N HIS A 144 -4.56 10.02 -22.98
CA HIS A 144 -5.28 11.26 -23.18
C HIS A 144 -5.23 12.17 -21.95
N MET A 145 -5.75 11.70 -20.82
CA MET A 145 -5.58 12.40 -19.55
C MET A 145 -5.37 11.37 -18.45
N HIS A 146 -4.67 11.80 -17.39
CA HIS A 146 -4.35 10.96 -16.23
C HIS A 146 -5.02 11.58 -15.00
N HIS A 147 -6.04 10.90 -14.48
CA HIS A 147 -6.74 11.36 -13.30
C HIS A 147 -6.06 10.79 -12.07
N ILE A 148 -5.66 11.67 -11.15
CA ILE A 148 -5.00 11.27 -9.92
C ILE A 148 -5.99 11.40 -8.79
N VAL A 149 -6.32 10.28 -8.17
CA VAL A 149 -7.42 10.19 -7.22
C VAL A 149 -6.85 10.31 -5.82
N ASP A 150 -7.40 11.25 -5.04
CA ASP A 150 -7.04 11.33 -3.64
C ASP A 150 -7.53 10.07 -2.94
N ASP A 151 -6.77 9.63 -1.92
CA ASP A 151 -7.19 8.40 -1.23
C ASP A 151 -8.45 8.59 -0.38
N ARG A 152 -8.97 9.82 -0.29
CA ARG A 152 -10.23 10.12 0.34
C ARG A 152 -11.39 10.10 -0.66
N GLY A 153 -11.14 9.65 -1.90
CA GLY A 153 -12.16 9.21 -2.84
C GLY A 153 -12.72 10.22 -3.83
N PHE A 154 -11.87 11.08 -4.36
CA PHE A 154 -12.27 12.11 -5.31
C PHE A 154 -11.09 12.42 -6.23
N VAL A 155 -11.40 12.98 -7.40
CA VAL A 155 -10.33 13.34 -8.33
C VAL A 155 -9.69 14.63 -7.86
N SER A 156 -8.37 14.59 -7.70
CA SER A 156 -7.61 15.68 -7.12
C SER A 156 -6.91 16.54 -8.16
N SER A 157 -6.30 15.91 -9.16
CA SER A 157 -5.72 16.60 -10.30
C SER A 157 -5.91 15.75 -11.54
N ILE A 158 -5.74 16.39 -12.69
CA ILE A 158 -5.78 15.74 -13.99
C ILE A 158 -4.56 16.24 -14.75
N ILE A 159 -3.68 15.32 -15.14
CA ILE A 159 -2.67 15.61 -16.15
C ILE A 159 -3.27 15.46 -17.53
N PHE A 160 -3.10 16.47 -18.38
CA PHE A 160 -3.60 16.46 -19.74
C PHE A 160 -2.46 16.15 -20.69
N PHE A 161 -2.74 15.32 -21.70
CA PHE A 161 -1.73 14.91 -22.66
C PHE A 161 -2.03 15.51 -24.02
N GLU A 162 -0.96 15.76 -24.76
CA GLU A 162 -1.02 16.21 -26.16
C GLU A 162 -0.13 15.26 -26.94
N ASP A 163 -0.73 14.55 -27.89
CA ASP A 163 -0.03 13.56 -28.72
C ASP A 163 0.70 12.52 -27.87
N GLY A 164 0.14 12.20 -26.71
CA GLY A 164 0.76 11.20 -25.85
C GLY A 164 1.87 11.68 -24.95
N GLN A 165 2.12 12.98 -24.90
CA GLN A 165 3.11 13.56 -24.01
C GLN A 165 2.40 14.40 -22.96
N ALA A 166 2.88 14.35 -21.72
CA ALA A 166 2.27 15.14 -20.66
C ALA A 166 2.50 16.63 -20.95
N ALA A 167 1.41 17.37 -21.10
CA ALA A 167 1.45 18.79 -21.43
C ALA A 167 1.31 19.68 -20.19
N TYR A 168 0.23 19.51 -19.43
CA TYR A 168 -0.03 20.36 -18.28
C TYR A 168 -0.87 19.57 -17.27
N GLN A 169 -0.89 20.05 -16.02
CA GLN A 169 -1.63 19.39 -14.95
C GLN A 169 -2.53 20.42 -14.27
N GLU A 170 -3.84 20.17 -14.26
CA GLU A 170 -4.77 21.05 -13.57
C GLU A 170 -5.09 20.46 -12.21
N TYR A 171 -4.75 21.20 -11.15
CA TYR A 171 -5.06 20.76 -9.80
C TYR A 171 -6.44 21.26 -9.41
N LEU A 172 -7.31 20.34 -8.97
CA LEU A 172 -8.72 20.68 -8.76
C LEU A 172 -9.04 20.93 -7.29
N ASN A 173 -10.19 21.60 -7.09
CA ASN A 173 -10.81 21.74 -5.78
C ASN A 173 -11.82 20.60 -5.60
N LEU A 174 -12.59 20.65 -4.52
CA LEU A 174 -13.51 19.56 -4.22
C LEU A 174 -14.68 19.51 -5.18
N LYS A 175 -14.96 20.60 -5.87
CA LYS A 175 -16.05 20.64 -6.84
C LYS A 175 -15.56 20.35 -8.25
N GLY A 176 -14.33 19.91 -8.40
CA GLY A 176 -13.79 19.63 -9.71
C GLY A 176 -13.39 20.84 -10.51
N GLU A 177 -13.40 22.00 -9.88
CA GLU A 177 -13.04 23.23 -10.61
C GLU A 177 -11.54 23.42 -10.51
N TRP A 178 -10.91 23.72 -11.62
CA TRP A 178 -9.46 23.77 -11.59
C TRP A 178 -9.00 25.05 -10.88
N GLN A 179 -8.08 24.90 -9.94
CA GLN A 179 -7.56 26.05 -9.20
C GLN A 179 -6.32 26.64 -9.87
N PHE A 180 -5.35 25.81 -10.22
CA PHE A 180 -4.16 26.27 -10.91
C PHE A 180 -3.67 25.20 -11.87
N ARG A 181 -2.94 25.64 -12.87
CA ARG A 181 -2.48 24.76 -13.94
C ARG A 181 -0.96 24.86 -14.02
N GLU A 182 -0.29 23.71 -13.98
CA GLU A 182 1.17 23.64 -14.08
C GLU A 182 1.57 23.16 -15.48
N ARG A 183 2.46 23.92 -16.14
CA ARG A 183 3.01 23.48 -17.43
C ARG A 183 4.19 22.52 -17.16
N LEU A 184 4.17 21.38 -17.83
CA LEU A 184 5.09 20.31 -17.48
C LEU A 184 6.37 20.33 -18.32
N LYS A 185 6.47 21.26 -19.27
CA LYS A 185 7.69 21.47 -20.05
C LYS A 185 8.67 22.31 -19.24
N GLU A 186 9.87 21.76 -19.02
CA GLU A 186 10.93 22.41 -18.25
C GLU A 186 10.94 23.93 -18.47
N GLY A 187 11.14 24.67 -17.38
CA GLY A 187 10.83 26.09 -17.36
C GLY A 187 9.36 26.39 -17.13
N GLY A 188 8.56 25.38 -16.82
CA GLY A 188 7.11 25.48 -16.81
C GLY A 188 6.50 26.24 -15.67
N GLN A 189 5.84 27.35 -15.98
CA GLN A 189 5.21 28.14 -14.94
C GLN A 189 3.86 27.52 -14.55
N VAL A 190 3.33 27.97 -13.42
CA VAL A 190 2.00 27.57 -12.99
C VAL A 190 1.10 28.78 -13.11
N GLU A 191 -0.07 28.58 -13.70
CA GLU A 191 -1.02 29.65 -13.94
C GLU A 191 -2.22 29.47 -13.02
N VAL A 192 -2.67 30.55 -12.46
CA VAL A 192 -3.83 30.54 -11.59
C VAL A 192 -5.07 30.77 -12.44
N ASN A 193 -6.11 30.00 -12.17
CA ASN A 193 -7.44 30.26 -12.70
C ASN A 193 -7.89 31.64 -12.24
N PRO A 194 -8.06 32.58 -13.18
CA PRO A 194 -8.38 33.96 -12.78
C PRO A 194 -9.78 34.15 -12.16
N ILE A 195 -10.72 33.22 -12.34
CA ILE A 195 -12.02 33.42 -11.71
C ILE A 195 -11.91 33.34 -10.19
N LEU A 196 -10.79 32.89 -9.67
CA LEU A 196 -10.54 32.85 -8.23
C LEU A 196 -9.12 33.34 -7.94
N GLY A 197 -8.66 34.35 -8.67
CA GLY A 197 -7.35 34.92 -8.45
C GLY A 197 -7.18 35.51 -7.06
N TYR A 198 -8.28 35.75 -6.35
CA TYR A 198 -8.17 36.30 -5.02
C TYR A 198 -7.48 35.34 -4.08
N ARG A 199 -7.54 34.03 -4.39
CA ARG A 199 -7.01 33.00 -3.50
C ARG A 199 -5.49 33.00 -3.45
N PHE A 200 -4.83 33.67 -4.40
CA PHE A 200 -3.39 33.62 -4.55
C PHE A 200 -2.85 35.04 -4.59
N LYS A 201 -1.59 35.20 -4.21
CA LYS A 201 -1.01 36.53 -4.21
C LYS A 201 -0.74 37.02 -5.62
N MET A 202 -0.49 36.11 -6.56
CA MET A 202 -0.35 36.48 -7.96
C MET A 202 -0.94 35.39 -8.85
N LEU A 203 -1.01 35.67 -10.14
CA LEU A 203 -1.63 34.78 -11.11
C LEU A 203 -0.65 33.96 -11.91
N THR A 204 0.65 34.18 -11.75
CA THR A 204 1.64 33.39 -12.47
C THR A 204 2.87 33.22 -11.60
N TYR A 205 3.39 31.98 -11.58
CA TYR A 205 4.52 31.60 -10.76
C TYR A 205 5.56 30.97 -11.66
N GLN A 206 6.85 31.28 -11.43
CA GLN A 206 7.91 30.71 -12.26
C GLN A 206 7.90 29.19 -12.25
N ASN A 207 7.64 28.62 -11.07
CA ASN A 207 7.71 27.19 -10.85
C ASN A 207 6.89 26.88 -9.63
N MET A 208 6.54 25.60 -9.46
CA MET A 208 5.72 25.18 -8.33
C MET A 208 6.32 25.59 -7.00
N GLY A 209 7.64 25.51 -6.87
CA GLY A 209 8.27 25.83 -5.60
C GLY A 209 7.92 27.22 -5.11
N ASP A 210 7.87 28.19 -6.03
CA ASP A 210 7.44 29.54 -5.67
C ASP A 210 6.04 29.53 -5.07
N LEU A 211 5.14 28.72 -5.66
CA LEU A 211 3.78 28.65 -5.15
C LEU A 211 3.74 27.96 -3.78
N VAL A 212 4.42 26.82 -3.65
CA VAL A 212 4.53 26.18 -2.34
C VAL A 212 5.05 27.19 -1.31
N ALA A 213 6.10 27.92 -1.66
CA ALA A 213 6.66 28.91 -0.74
C ALA A 213 5.61 29.92 -0.27
N GLU A 214 4.78 30.42 -1.18
CA GLU A 214 3.81 31.44 -0.81
C GLU A 214 2.87 30.94 0.29
N PHE A 215 2.36 29.71 0.13
CA PHE A 215 1.41 29.17 1.10
C PHE A 215 2.11 28.67 2.37
N PHE A 216 3.35 28.19 2.24
CA PHE A 216 4.14 27.89 3.44
C PHE A 216 4.21 29.10 4.36
N GLU A 217 4.61 30.27 3.82
CA GLU A 217 4.64 31.50 4.62
C GLU A 217 3.29 31.78 5.26
N ASN A 218 2.21 31.60 4.51
CA ASN A 218 0.88 31.78 5.06
C ASN A 218 0.69 30.88 6.28
N TYR A 219 1.19 29.64 6.21
CA TYR A 219 1.03 28.74 7.33
C TYR A 219 1.74 29.25 8.56
N LEU A 220 3.03 29.57 8.42
CA LEU A 220 3.81 30.13 9.52
C LEU A 220 3.12 31.32 10.16
N GLN A 221 2.42 32.12 9.37
CA GLN A 221 1.84 33.35 9.91
C GLN A 221 0.63 33.07 10.78
N THR A 222 -0.28 32.18 10.35
CA THR A 222 -1.46 31.99 11.17
C THR A 222 -1.20 31.06 12.36
N TYR A 223 -0.32 30.07 12.21
CA TYR A 223 -0.23 29.02 13.23
C TYR A 223 0.99 29.09 14.14
N VAL A 224 2.08 29.75 13.76
CA VAL A 224 3.36 29.54 14.44
C VAL A 224 3.65 30.66 15.42
N LYS A 225 4.10 30.27 16.60
CA LYS A 225 4.51 31.13 17.69
C LYS A 225 6.03 31.14 17.76
N ASP A 226 6.57 32.00 18.59
CA ASP A 226 8.01 32.01 18.77
C ASP A 226 8.39 30.89 19.73
N GLN A 227 9.70 30.58 19.76
CA GLN A 227 10.23 29.37 20.42
C GLN A 227 9.34 28.12 20.21
N ASP A 228 8.71 28.02 19.02
CA ASP A 228 8.27 26.74 18.48
C ASP A 228 9.44 26.07 17.80
N ILE A 229 9.51 24.76 17.88
CA ILE A 229 10.66 24.02 17.38
C ILE A 229 10.30 23.40 16.03
N PHE A 230 11.25 23.41 15.11
CA PHE A 230 11.07 22.87 13.77
C PHE A 230 12.03 21.72 13.54
N MET A 231 11.51 20.56 13.16
CA MET A 231 12.32 19.38 12.88
C MET A 231 12.49 19.25 11.37
N LEU A 232 13.70 19.52 10.89
CA LEU A 232 13.96 19.60 9.45
C LEU A 232 14.94 18.55 8.97
N PRO A 233 14.46 17.48 8.33
CA PRO A 233 15.38 16.61 7.57
C PRO A 233 15.96 17.40 6.41
N SER A 234 17.26 17.25 6.20
CA SER A 234 17.91 18.07 5.18
C SER A 234 17.64 17.52 3.78
N HIS A 235 17.28 18.42 2.88
CA HIS A 235 17.04 18.05 1.50
C HIS A 235 17.29 19.30 0.67
N SER A 236 18.13 19.16 -0.37
CA SER A 236 18.50 20.25 -1.24
C SER A 236 17.30 21.10 -1.65
N HIS A 237 16.15 20.44 -1.88
CA HIS A 237 14.99 21.07 -2.50
C HIS A 237 14.08 21.80 -1.54
N HIS A 238 14.23 21.65 -0.21
CA HIS A 238 13.49 22.50 0.70
C HIS A 238 14.32 23.17 1.80
N ASP A 239 15.62 22.90 1.91
CA ASP A 239 16.43 23.49 2.97
C ASP A 239 16.41 25.02 2.90
N GLN A 240 16.61 25.59 1.71
CA GLN A 240 16.60 27.05 1.66
C GLN A 240 15.18 27.62 1.73
N LEU A 241 14.23 26.98 1.05
CA LEU A 241 12.83 27.44 1.07
C LEU A 241 12.30 27.55 2.49
N VAL A 242 12.61 26.58 3.34
CA VAL A 242 12.17 26.64 4.72
C VAL A 242 13.05 27.59 5.52
N LEU A 243 14.38 27.35 5.53
CA LEU A 243 15.26 28.06 6.46
C LEU A 243 15.30 29.56 6.21
N ASP A 244 15.02 30.02 4.99
CA ASP A 244 14.96 31.45 4.70
C ASP A 244 13.69 32.11 5.22
N ARG A 245 12.71 31.33 5.66
CA ARG A 245 11.43 31.88 6.10
C ARG A 245 11.11 31.61 7.55
N LEU A 246 11.83 30.70 8.20
CA LEU A 246 11.61 30.49 9.64
C LEU A 246 12.14 31.70 10.40
N PRO A 247 11.34 32.31 11.26
CA PRO A 247 11.85 33.43 12.07
C PRO A 247 13.03 32.96 12.92
N SER A 248 13.91 33.91 13.24
CA SER A 248 15.17 33.51 13.84
C SER A 248 14.98 32.89 15.22
N THR A 249 13.91 33.26 15.94
CA THR A 249 13.77 32.80 17.33
C THR A 249 13.43 31.32 17.40
N ASN A 250 12.59 30.82 16.50
CA ASN A 250 12.22 29.42 16.46
C ASN A 250 13.47 28.55 16.35
N PRO A 251 13.77 27.73 17.36
CA PRO A 251 14.93 26.82 17.23
C PRO A 251 14.71 25.83 16.10
N LYS A 252 15.73 25.66 15.26
CA LYS A 252 15.64 24.84 14.06
C LYS A 252 16.64 23.70 14.14
N LEU A 253 16.16 22.47 14.13
CA LEU A 253 17.00 21.29 14.25
C LEU A 253 17.08 20.62 12.87
N LEU A 254 18.25 20.67 12.26
CA LEU A 254 18.47 20.00 10.99
C LEU A 254 18.82 18.54 11.24
N SER A 255 18.27 17.65 10.43
CA SER A 255 18.43 16.22 10.67
C SER A 255 19.07 15.56 9.46
N LEU A 256 20.09 14.73 9.70
CA LEU A 256 20.80 14.02 8.65
C LEU A 256 20.63 12.51 8.78
N PHE A 257 20.39 11.83 7.65
CA PHE A 257 20.08 10.41 7.60
C PHE A 257 20.77 9.77 6.39
N ILE A 258 21.35 8.59 6.59
CA ILE A 258 22.26 8.01 5.59
C ILE A 258 21.53 7.70 4.30
N GLY A 259 20.24 7.41 4.36
CA GLY A 259 19.54 7.11 3.14
C GLY A 259 19.15 8.33 2.34
N ARG A 260 19.54 9.50 2.78
CA ARG A 260 19.10 10.73 2.16
C ARG A 260 20.24 11.72 1.96
N ASN A 261 21.14 11.83 2.94
CA ASN A 261 22.26 12.77 2.90
C ASN A 261 23.54 11.95 2.87
N PRO A 262 24.04 11.59 1.68
CA PRO A 262 25.28 10.81 1.61
C PRO A 262 26.41 11.60 2.26
N GLN A 263 27.34 10.86 2.87
CA GLN A 263 28.38 11.51 3.66
C GLN A 263 29.23 12.43 2.79
N ASP A 264 29.41 12.09 1.52
CA ASP A 264 30.17 12.95 0.63
C ASP A 264 29.50 14.30 0.40
N THR A 265 28.30 14.56 0.93
CA THR A 265 27.71 15.88 0.77
C THR A 265 27.90 16.78 1.99
N PHE A 266 28.39 16.26 3.12
CA PHE A 266 28.54 17.09 4.30
C PHE A 266 29.38 18.33 4.02
N ARG A 267 30.35 18.23 3.12
CA ARG A 267 31.19 19.38 2.84
C ARG A 267 30.39 20.56 2.32
N ASP A 268 29.27 20.31 1.66
CA ASP A 268 28.50 21.35 1.00
C ASP A 268 27.42 21.98 1.88
N LEU A 269 27.23 21.52 3.11
CA LEU A 269 26.09 21.95 3.92
C LEU A 269 26.35 23.21 4.75
N ASP A 270 27.52 23.82 4.66
CA ASP A 270 27.85 24.91 5.58
C ASP A 270 26.83 26.04 5.52
N VAL A 271 26.41 26.42 4.32
CA VAL A 271 25.43 27.51 4.23
C VAL A 271 24.11 27.10 4.88
N THR A 272 23.72 25.82 4.78
CA THR A 272 22.51 25.36 5.47
C THR A 272 22.71 25.34 6.98
N PHE A 273 23.87 24.83 7.44
CA PHE A 273 24.17 24.81 8.86
C PHE A 273 24.10 26.19 9.49
N GLU A 274 24.57 27.22 8.77
CA GLU A 274 24.58 28.56 9.36
C GLU A 274 23.16 29.06 9.66
N LYS A 275 22.15 28.56 8.93
CA LYS A 275 20.77 28.96 9.18
C LYS A 275 20.03 27.99 10.10
N SER A 276 20.67 26.92 10.55
CA SER A 276 20.14 25.98 11.52
C SER A 276 20.77 26.21 12.87
N ASP A 277 20.15 25.63 13.90
CA ASP A 277 20.62 25.77 15.27
C ASP A 277 21.24 24.52 15.85
N LEU A 278 20.68 23.34 15.56
CA LEU A 278 21.26 22.06 15.93
C LEU A 278 21.37 21.18 14.69
N ILE A 279 22.31 20.24 14.72
CA ILE A 279 22.45 19.26 13.64
C ILE A 279 22.41 17.87 14.26
N LEU A 280 21.40 17.09 13.90
CA LEU A 280 21.20 15.73 14.40
C LEU A 280 21.64 14.73 13.35
N VAL A 281 22.40 13.72 13.76
CA VAL A 281 22.94 12.71 12.87
C VAL A 281 22.54 11.32 13.36
N ASP A 282 22.35 10.42 12.41
CA ASP A 282 21.85 9.09 12.74
C ASP A 282 22.96 8.08 13.02
N ARG A 283 24.22 8.41 12.71
CA ARG A 283 25.34 7.50 12.88
C ARG A 283 26.53 8.25 13.48
N GLU A 284 27.35 7.54 14.27
CA GLU A 284 28.54 8.15 14.85
C GLU A 284 29.65 8.36 13.82
N ASP A 285 29.78 7.45 12.86
CA ASP A 285 30.77 7.66 11.81
C ASP A 285 30.46 8.94 11.02
N SER A 286 29.18 9.22 10.79
CA SER A 286 28.79 10.52 10.23
C SER A 286 28.99 11.64 11.23
N LEU A 287 28.84 11.35 12.53
CA LEU A 287 29.08 12.39 13.53
C LEU A 287 30.55 12.77 13.57
N ARG A 288 31.45 11.79 13.55
CA ARG A 288 32.88 12.08 13.51
C ARG A 288 33.23 12.94 12.29
N LEU A 289 32.76 12.53 11.11
CA LEU A 289 33.15 13.26 9.91
C LEU A 289 32.67 14.71 9.96
N LEU A 290 31.54 14.98 10.63
CA LEU A 290 31.09 16.36 10.79
C LEU A 290 31.98 17.14 11.76
N GLN A 291 32.44 16.48 12.84
CA GLN A 291 33.31 17.14 13.81
C GLN A 291 34.71 17.38 13.26
N GLU A 292 35.13 16.62 12.24
CA GLU A 292 36.34 16.95 11.51
C GLU A 292 36.10 18.15 10.59
N LEU A 293 35.08 18.06 9.74
CA LEU A 293 34.87 19.11 8.75
C LEU A 293 34.50 20.44 9.39
N TYR A 294 33.73 20.43 10.48
CA TYR A 294 33.20 21.65 11.09
C TYR A 294 33.48 21.67 12.59
N PRO A 295 34.75 21.79 12.98
CA PRO A 295 35.07 21.79 14.41
C PRO A 295 34.57 23.03 15.13
N GLU A 296 34.43 24.14 14.41
CA GLU A 296 33.85 25.36 14.96
C GLU A 296 32.41 25.13 15.41
N ARG A 297 31.91 23.90 15.21
CA ARG A 297 30.48 23.59 15.31
C ARG A 297 30.17 22.30 16.07
N MET A 298 31.11 21.73 16.82
CA MET A 298 30.78 20.42 17.39
C MET A 298 30.01 20.52 18.71
N HIS A 299 29.60 21.71 19.11
CA HIS A 299 28.60 21.91 20.14
C HIS A 299 27.18 21.90 19.58
N GLN A 300 27.05 21.92 18.26
CA GLN A 300 25.77 21.89 17.57
C GLN A 300 25.33 20.49 17.17
N CYS A 301 26.27 19.54 17.11
CA CYS A 301 26.05 18.26 16.46
C CYS A 301 25.93 17.15 17.49
N TYR A 302 24.79 16.47 17.50
CA TYR A 302 24.50 15.37 18.39
C TYR A 302 24.12 14.14 17.58
N HIS A 303 24.30 12.95 18.17
CA HIS A 303 23.95 11.70 17.51
C HIS A 303 22.67 11.14 18.10
N LEU A 304 21.71 10.78 17.23
CA LEU A 304 20.48 10.10 17.62
C LEU A 304 20.22 9.01 16.58
N SER A 305 20.41 7.75 16.98
CA SER A 305 20.20 6.65 16.05
C SER A 305 18.71 6.50 15.73
N SER A 306 18.43 6.07 14.51
CA SER A 306 17.04 5.87 14.11
C SER A 306 16.73 4.38 13.99
N PHE A 307 15.56 4.00 14.51
CA PHE A 307 15.08 2.62 14.49
C PHE A 307 13.68 2.57 13.88
N ASP A 308 13.35 1.43 13.33
CA ASP A 308 12.03 1.21 12.77
C ASP A 308 11.27 0.36 13.77
N THR A 309 10.65 1.01 14.74
CA THR A 309 9.98 0.31 15.84
C THR A 309 8.65 -0.31 15.41
N ARG A 310 8.40 -0.38 14.09
CA ARG A 310 7.27 -1.16 13.62
C ARG A 310 7.47 -2.66 13.83
N LEU A 311 8.73 -3.11 13.97
CA LEU A 311 9.07 -4.53 14.05
C LEU A 311 9.03 -5.03 15.50
N ARG A 312 8.62 -6.29 15.66
CA ARG A 312 8.61 -6.93 16.97
C ARG A 312 10.01 -7.43 17.33
N LEU A 313 10.32 -7.44 18.62
CA LEU A 313 11.59 -7.97 19.10
C LEU A 313 11.44 -9.39 19.67
N GLY A 314 12.51 -10.15 19.56
CA GLY A 314 12.64 -11.43 20.24
C GLY A 314 11.58 -12.50 20.01
N ARG A 315 10.86 -12.45 18.90
CA ARG A 315 9.86 -13.48 18.68
C ARG A 315 10.44 -14.77 18.09
N SER A 316 11.72 -14.80 17.73
CA SER A 316 12.30 -16.04 17.20
C SER A 316 12.49 -17.11 18.27
N GLN A 317 12.68 -16.71 19.54
CA GLN A 317 12.91 -17.69 20.60
C GLN A 317 11.73 -18.62 20.79
N THR A 318 10.57 -18.27 20.24
CA THR A 318 9.38 -19.10 20.41
C THR A 318 9.34 -20.29 19.46
N LYS A 319 10.22 -20.35 18.47
CA LYS A 319 10.28 -21.42 17.48
C LYS A 319 11.41 -22.39 17.81
N LYS A 320 11.17 -23.67 17.48
CA LYS A 320 12.26 -24.65 17.60
C LYS A 320 13.30 -24.45 16.50
N GLU A 321 12.84 -24.29 15.26
CA GLU A 321 13.73 -24.01 14.13
C GLU A 321 14.55 -22.76 14.40
N SER A 322 15.76 -22.76 13.85
CA SER A 322 16.51 -21.52 13.64
C SER A 322 16.32 -21.15 12.17
N ILE A 323 15.49 -20.13 11.92
CA ILE A 323 15.28 -19.64 10.57
C ILE A 323 16.36 -18.61 10.26
N ILE A 324 17.05 -18.79 9.14
CA ILE A 324 18.12 -17.90 8.70
C ILE A 324 17.62 -17.12 7.49
N TYR A 325 17.73 -15.79 7.55
CA TYR A 325 17.38 -14.93 6.42
C TYR A 325 18.64 -14.59 5.65
N PHE A 326 18.76 -15.11 4.44
CA PHE A 326 19.92 -14.85 3.58
C PHE A 326 19.55 -13.81 2.51
N GLN A 327 20.32 -12.73 2.46
CA GLN A 327 20.00 -11.54 1.67
C GLN A 327 20.67 -11.60 0.30
N LEU A 328 19.89 -11.89 -0.75
CA LEU A 328 20.39 -11.89 -2.12
C LEU A 328 20.34 -10.50 -2.75
N ASP A 329 21.34 -10.20 -3.58
CA ASP A 329 21.47 -8.92 -4.29
C ASP A 329 21.94 -9.20 -5.72
N PHE A 330 21.06 -9.00 -6.71
CA PHE A 330 21.40 -9.41 -8.07
C PHE A 330 22.33 -8.42 -8.78
N GLU A 331 22.22 -7.13 -8.48
CA GLU A 331 23.11 -6.15 -9.10
C GLU A 331 24.49 -6.12 -8.47
N GLN A 332 24.68 -6.81 -7.35
CA GLN A 332 26.00 -7.12 -6.82
C GLN A 332 26.42 -8.55 -7.11
N GLY A 333 25.53 -9.36 -7.70
CA GLY A 333 25.85 -10.72 -8.09
C GLY A 333 25.58 -11.77 -7.02
N ILE A 334 25.11 -12.94 -7.45
CA ILE A 334 24.82 -14.04 -6.55
C ILE A 334 26.11 -14.79 -6.30
N ASP A 335 26.67 -14.62 -5.11
CA ASP A 335 27.90 -15.29 -4.69
C ASP A 335 27.61 -16.75 -4.35
N ASN A 336 27.74 -17.65 -5.32
CA ASN A 336 27.42 -19.05 -5.07
C ASN A 336 28.43 -19.76 -4.17
N GLN A 337 29.52 -19.10 -3.78
CA GLN A 337 30.33 -19.64 -2.70
C GLN A 337 29.63 -19.45 -1.36
N ALA A 338 28.95 -18.32 -1.20
CA ALA A 338 28.20 -18.05 0.03
C ALA A 338 26.91 -18.87 0.09
N LEU A 339 26.24 -19.07 -1.06
CA LEU A 339 25.13 -20.00 -1.11
C LEU A 339 25.55 -21.39 -0.65
N LEU A 340 26.68 -21.86 -1.19
CA LEU A 340 27.20 -23.18 -0.85
C LEU A 340 27.51 -23.29 0.63
N GLN A 341 28.10 -22.23 1.21
CA GLN A 341 28.38 -22.26 2.64
C GLN A 341 27.09 -22.29 3.45
N VAL A 342 26.06 -21.58 2.98
CA VAL A 342 24.79 -21.55 3.69
C VAL A 342 24.09 -22.90 3.59
N LEU A 343 23.96 -23.42 2.37
CA LEU A 343 23.32 -24.71 2.16
C LEU A 343 24.01 -25.81 2.95
N SER A 344 25.35 -25.79 2.99
CA SER A 344 26.07 -26.79 3.78
C SER A 344 25.57 -26.81 5.23
N PHE A 345 25.55 -25.64 5.87
CA PHE A 345 25.19 -25.55 7.28
C PHE A 345 23.81 -26.16 7.56
N VAL A 346 22.81 -25.78 6.75
CA VAL A 346 21.43 -26.18 7.03
C VAL A 346 21.24 -27.67 6.84
N ALA A 347 21.94 -28.27 5.86
CA ALA A 347 21.95 -29.73 5.77
C ALA A 347 22.61 -30.37 6.99
N GLU A 348 23.67 -29.73 7.52
CA GLU A 348 24.44 -30.33 8.61
C GLU A 348 23.74 -30.20 9.95
N ASN A 349 22.97 -29.13 10.18
CA ASN A 349 22.24 -28.97 11.43
C ASN A 349 20.75 -28.96 11.11
N LYS A 350 20.05 -30.02 11.49
CA LYS A 350 18.72 -30.27 10.98
C LYS A 350 17.63 -29.51 11.73
N ASP A 351 18.00 -28.70 12.72
CA ASP A 351 17.06 -27.83 13.43
C ASP A 351 16.99 -26.44 12.82
N THR A 352 17.32 -26.28 11.55
CA THR A 352 17.45 -24.96 10.96
C THR A 352 16.85 -24.95 9.56
N GLU A 353 16.25 -23.83 9.21
CA GLU A 353 15.79 -23.53 7.86
C GLU A 353 16.45 -22.26 7.38
N VAL A 354 16.43 -22.04 6.08
CA VAL A 354 16.95 -20.81 5.50
C VAL A 354 15.87 -20.21 4.60
N ILE A 355 15.79 -18.88 4.59
CA ILE A 355 14.95 -18.14 3.65
C ILE A 355 15.89 -17.33 2.75
N PHE A 356 15.92 -17.67 1.47
CA PHE A 356 16.61 -16.84 0.49
C PHE A 356 15.65 -15.75 0.04
N GLY A 357 16.08 -14.50 0.13
CA GLY A 357 15.21 -13.38 -0.16
C GLY A 357 15.85 -12.33 -1.04
N ALA A 358 15.11 -11.88 -2.05
CA ALA A 358 15.50 -10.79 -2.91
C ALA A 358 14.46 -9.68 -2.85
N PHE A 359 14.92 -8.44 -3.08
CA PHE A 359 14.06 -7.26 -3.20
C PHE A 359 13.85 -6.96 -4.68
N ALA A 360 12.62 -7.14 -5.17
CA ALA A 360 12.20 -6.64 -6.48
C ALA A 360 12.97 -7.31 -7.62
N ALA A 361 13.30 -8.58 -7.44
CA ALA A 361 13.88 -9.38 -8.51
C ALA A 361 12.81 -9.90 -9.45
N SER A 362 13.19 -10.12 -10.70
CA SER A 362 12.28 -10.66 -11.70
C SER A 362 12.19 -12.18 -11.56
N GLN A 363 11.14 -12.75 -12.15
CA GLN A 363 10.98 -14.20 -12.09
C GLN A 363 12.10 -14.90 -12.83
N GLU A 364 12.65 -14.27 -13.89
CA GLU A 364 13.85 -14.81 -14.52
C GLU A 364 15.03 -14.84 -13.55
N GLN A 365 15.24 -13.76 -12.79
CA GLN A 365 16.32 -13.73 -11.79
C GLN A 365 16.04 -14.70 -10.65
N MET A 366 14.78 -14.84 -10.25
CA MET A 366 14.47 -15.77 -9.16
C MET A 366 14.64 -17.21 -9.61
N ASN A 367 14.09 -17.57 -10.77
CA ASN A 367 14.28 -18.93 -11.26
C ASN A 367 15.75 -19.24 -11.44
N GLU A 368 16.55 -18.25 -11.84
CA GLU A 368 17.99 -18.44 -11.95
C GLU A 368 18.58 -18.91 -10.62
N VAL A 369 18.20 -18.27 -9.51
CA VAL A 369 18.84 -18.63 -8.25
C VAL A 369 18.25 -19.91 -7.66
N GLU A 370 16.99 -20.26 -7.96
CA GLU A 370 16.52 -21.56 -7.50
C GLU A 370 17.17 -22.70 -8.29
N GLY A 371 17.39 -22.48 -9.59
CA GLY A 371 18.21 -23.42 -10.35
C GLY A 371 19.64 -23.54 -9.83
N ILE A 372 20.26 -22.40 -9.50
CA ILE A 372 21.63 -22.44 -8.98
C ILE A 372 21.69 -23.21 -7.67
N VAL A 373 20.75 -22.95 -6.77
CA VAL A 373 20.79 -23.57 -5.44
C VAL A 373 20.39 -25.04 -5.52
N GLU A 374 19.33 -25.35 -6.27
CA GLU A 374 18.88 -26.73 -6.34
C GLU A 374 19.96 -27.62 -6.99
N SER A 375 20.56 -27.15 -8.08
CA SER A 375 21.63 -27.91 -8.70
C SER A 375 22.80 -28.11 -7.75
N PHE A 376 23.01 -27.17 -6.81
CA PHE A 376 24.01 -27.37 -5.76
C PHE A 376 23.61 -28.49 -4.82
N ILE A 377 22.31 -28.62 -4.56
CA ILE A 377 21.83 -29.61 -3.61
C ILE A 377 22.02 -31.02 -4.17
N GLN A 378 21.82 -31.18 -5.49
CA GLN A 378 21.92 -32.50 -6.12
C GLN A 378 23.36 -33.01 -6.16
N GLU A 379 24.26 -32.21 -6.70
CA GLU A 379 25.68 -32.57 -6.80
C GLU A 379 26.29 -32.99 -5.45
N LEU A 409 14.43 -24.77 3.67
CA LEU A 409 14.86 -23.94 2.54
C LEU A 409 13.71 -23.39 1.69
N GLN A 410 13.73 -22.08 1.38
CA GLN A 410 12.67 -21.46 0.60
C GLN A 410 13.12 -20.09 0.09
N PHE A 411 12.40 -19.59 -0.93
CA PHE A 411 12.75 -18.35 -1.63
C PHE A 411 11.60 -17.35 -1.55
N VAL A 412 11.91 -16.09 -1.24
CA VAL A 412 10.91 -15.03 -1.15
C VAL A 412 11.35 -13.82 -1.97
N ASN A 413 10.38 -13.19 -2.63
CA ASN A 413 10.57 -12.02 -3.49
C ASN A 413 9.78 -10.88 -2.86
N LEU A 414 10.47 -10.01 -2.13
CA LEU A 414 9.84 -8.91 -1.40
C LEU A 414 9.84 -7.61 -2.21
N ASN A 415 8.80 -6.79 -2.01
CA ASN A 415 8.72 -5.54 -2.75
C ASN A 415 8.65 -4.29 -1.88
N ASP A 416 8.45 -4.42 -0.59
CA ASP A 416 8.38 -3.24 0.27
C ASP A 416 8.94 -3.58 1.63
N GLU A 417 9.15 -2.53 2.43
CA GLU A 417 9.54 -2.72 3.83
C GLU A 417 8.59 -3.70 4.53
N LEU A 418 7.28 -3.45 4.40
CA LEU A 418 6.28 -4.27 5.06
C LEU A 418 6.50 -5.77 4.82
N ASP A 419 6.93 -6.14 3.62
CA ASP A 419 7.18 -7.54 3.29
C ASP A 419 8.34 -8.12 4.09
N LEU A 420 9.47 -7.39 4.12
CA LEU A 420 10.56 -7.85 4.95
C LEU A 420 10.14 -7.93 6.42
N ILE A 421 9.32 -6.98 6.88
CA ILE A 421 8.91 -6.98 8.28
C ILE A 421 8.19 -8.28 8.62
N LYS A 422 7.25 -8.67 7.76
CA LYS A 422 6.53 -9.93 7.99
C LYS A 422 7.49 -11.11 7.95
N THR A 423 8.39 -11.12 6.96
CA THR A 423 9.29 -12.25 6.76
C THR A 423 10.20 -12.49 7.97
N LEU A 424 10.65 -11.42 8.62
CA LEU A 424 11.60 -11.54 9.73
C LEU A 424 10.95 -11.91 11.06
N GLU A 425 9.65 -12.21 11.11
CA GLU A 425 8.97 -12.30 12.40
C GLU A 425 9.57 -13.38 13.30
N PHE A 426 9.89 -14.54 12.74
CA PHE A 426 10.50 -15.62 13.53
C PHE A 426 11.93 -15.91 13.13
N VAL A 427 12.57 -14.99 12.39
CA VAL A 427 13.93 -15.20 11.93
C VAL A 427 14.89 -15.05 13.10
N ARG A 428 15.80 -16.03 13.22
CA ARG A 428 16.78 -16.02 14.31
C ARG A 428 18.07 -15.32 13.94
N LEU A 429 18.37 -15.22 12.64
CA LEU A 429 19.68 -14.79 12.21
C LEU A 429 19.60 -14.18 10.81
N ILE A 430 20.25 -13.02 10.62
CA ILE A 430 20.31 -12.36 9.32
C ILE A 430 21.70 -12.51 8.74
N VAL A 431 21.78 -12.86 7.46
CA VAL A 431 23.03 -13.10 6.75
C VAL A 431 23.05 -12.20 5.52
N ASP A 432 24.02 -11.27 5.48
CA ASP A 432 24.25 -10.40 4.32
C ASP A 432 25.75 -10.44 4.03
N LEU A 433 26.14 -11.24 3.04
CA LEU A 433 27.53 -11.42 2.68
C LEU A 433 27.93 -10.65 1.43
N ASN A 434 27.14 -9.65 1.05
CA ASN A 434 27.46 -8.82 -0.10
C ASN A 434 28.38 -7.68 0.33
N ARG A 435 28.98 -7.04 -0.67
CA ARG A 435 29.99 -6.03 -0.41
C ARG A 435 29.39 -4.77 0.21
N HIS A 436 28.17 -4.44 -0.21
CA HIS A 436 27.43 -3.29 0.33
C HIS A 436 26.18 -3.86 0.98
N PRO A 437 26.22 -4.13 2.29
CA PRO A 437 25.05 -4.69 2.96
C PRO A 437 23.86 -3.77 2.80
N HIS A 438 22.68 -4.38 2.72
CA HIS A 438 21.47 -3.63 2.42
C HIS A 438 21.08 -2.76 3.61
N LEU A 439 20.83 -1.47 3.35
CA LEU A 439 20.62 -0.52 4.43
C LEU A 439 19.35 -0.83 5.22
N TYR A 440 18.28 -1.26 4.55
CA TYR A 440 17.06 -1.50 5.33
C TYR A 440 17.16 -2.81 6.09
N THR A 441 17.73 -3.85 5.49
CA THR A 441 17.90 -5.10 6.21
C THR A 441 18.69 -4.87 7.51
N GLN A 442 19.72 -4.01 7.47
CA GLN A 442 20.47 -3.69 8.67
C GLN A 442 19.61 -2.94 9.68
N ILE A 443 18.79 -2.00 9.20
CA ILE A 443 17.96 -1.23 10.14
C ILE A 443 16.89 -2.12 10.76
N ALA A 444 16.34 -3.05 9.96
CA ALA A 444 15.39 -4.01 10.51
C ALA A 444 16.07 -4.88 11.56
N GLY A 445 17.28 -5.36 11.28
CA GLY A 445 17.97 -6.23 12.21
C GLY A 445 18.16 -5.59 13.57
N ILE A 446 18.71 -4.37 13.60
CA ILE A 446 18.94 -3.71 14.87
C ILE A 446 17.64 -3.23 15.50
N SER A 447 16.55 -3.19 14.73
CA SER A 447 15.25 -2.79 15.25
C SER A 447 14.47 -3.96 15.81
N ALA A 448 14.77 -5.17 15.36
CA ALA A 448 14.13 -6.39 15.84
C ALA A 448 15.03 -7.21 16.76
N GLY A 449 16.27 -6.77 17.01
CA GLY A 449 17.17 -7.54 17.85
C GLY A 449 17.65 -8.84 17.24
N ILE A 450 17.61 -8.97 15.93
CA ILE A 450 18.16 -10.13 15.23
C ILE A 450 19.63 -9.86 14.93
N PRO A 451 20.53 -10.79 15.21
CA PRO A 451 21.95 -10.56 14.91
C PRO A 451 22.25 -10.83 13.45
N GLN A 452 23.25 -10.12 12.95
CA GLN A 452 23.58 -10.11 11.52
C GLN A 452 25.00 -10.61 11.29
N ILE A 453 25.18 -11.37 10.21
CA ILE A 453 26.49 -11.84 9.78
C ILE A 453 26.82 -11.13 8.49
N ASN A 454 27.91 -10.37 8.49
CA ASN A 454 28.38 -9.67 7.30
C ASN A 454 29.78 -10.13 6.93
N LEU A 455 30.23 -9.69 5.76
CA LEU A 455 31.61 -9.88 5.33
C LEU A 455 32.42 -8.58 5.34
N VAL A 456 31.82 -7.47 5.82
CA VAL A 456 32.44 -6.15 5.87
C VAL A 456 32.01 -5.45 7.16
N GLU A 457 32.76 -4.40 7.51
CA GLU A 457 32.42 -3.62 8.70
C GLU A 457 31.23 -2.72 8.41
N THR A 458 30.37 -2.55 9.41
CA THR A 458 29.25 -1.62 9.34
C THR A 458 29.08 -0.94 10.68
N VAL A 459 28.48 0.25 10.64
CA VAL A 459 28.26 1.01 11.85
C VAL A 459 27.18 0.38 12.71
N TYR A 460 26.45 -0.59 12.16
CA TYR A 460 25.27 -1.19 12.77
C TYR A 460 25.55 -2.53 13.46
N VAL A 461 26.62 -3.23 13.08
CA VAL A 461 26.99 -4.51 13.67
C VAL A 461 28.32 -4.36 14.40
N GLU A 462 28.35 -4.80 15.65
CA GLU A 462 29.56 -4.80 16.47
C GLU A 462 29.96 -6.24 16.74
N HIS A 463 31.15 -6.63 16.26
CA HIS A 463 31.57 -8.03 16.21
C HIS A 463 31.46 -8.72 17.55
N LEU A 464 30.70 -9.81 17.57
CA LEU A 464 30.42 -10.69 18.70
C LEU A 464 29.50 -10.06 19.75
N LYS A 465 29.05 -8.83 19.55
CA LYS A 465 28.06 -8.25 20.46
C LYS A 465 26.63 -8.35 19.91
N ASN A 466 26.43 -8.07 18.60
CA ASN A 466 25.12 -8.26 17.97
C ASN A 466 25.26 -8.76 16.53
N GLY A 467 26.35 -9.45 16.22
CA GLY A 467 26.57 -9.99 14.91
C GLY A 467 27.96 -10.60 14.83
N TYR A 468 28.36 -10.98 13.62
CA TYR A 468 29.65 -11.63 13.42
C TYR A 468 30.26 -11.16 12.11
N LEU A 469 31.46 -10.56 12.17
CA LEU A 469 32.18 -10.11 10.98
C LEU A 469 33.16 -11.19 10.57
N LEU A 470 32.89 -11.84 9.44
CA LEU A 470 33.74 -12.91 8.97
C LEU A 470 35.06 -12.37 8.44
N ALA A 471 36.15 -13.06 8.78
CA ALA A 471 37.39 -12.82 8.06
C ALA A 471 37.24 -13.18 6.59
N ASP A 472 36.54 -14.28 6.28
CA ASP A 472 36.10 -14.56 4.90
C ASP A 472 35.03 -15.66 4.93
N VAL A 473 34.55 -15.99 3.72
CA VAL A 473 33.30 -16.76 3.55
C VAL A 473 33.38 -18.12 4.24
N THR A 474 34.55 -18.73 4.27
CA THR A 474 34.68 -20.08 4.81
C THR A 474 34.46 -20.10 6.33
N GLU A 475 34.72 -18.99 7.02
CA GLU A 475 34.48 -18.91 8.46
C GLU A 475 33.01 -18.93 8.80
N PHE A 476 32.13 -19.09 7.81
CA PHE A 476 30.69 -18.91 8.04
C PHE A 476 30.18 -19.87 9.10
N SER A 477 30.44 -21.18 8.93
CA SER A 477 29.87 -22.17 9.84
C SER A 477 30.26 -21.86 11.29
N LYS A 478 31.50 -21.40 11.50
CA LYS A 478 31.92 -20.86 12.79
C LYS A 478 30.90 -19.85 13.32
N ALA A 479 30.58 -18.85 12.48
CA ALA A 479 29.72 -17.75 12.90
C ALA A 479 28.27 -18.18 13.07
N ALA A 480 27.76 -19.00 12.15
CA ALA A 480 26.38 -19.46 12.26
C ALA A 480 26.17 -20.27 13.54
N HIS A 481 27.13 -21.15 13.86
CA HIS A 481 27.03 -21.91 15.12
C HIS A 481 26.97 -20.99 16.32
N TYR A 482 27.63 -19.84 16.25
CA TYR A 482 27.67 -18.92 17.38
C TYR A 482 26.27 -18.55 17.85
N TYR A 483 25.35 -18.31 16.91
CA TYR A 483 24.04 -17.75 17.25
C TYR A 483 22.89 -18.74 17.10
N THR A 484 23.16 -19.98 16.67
CA THR A 484 22.10 -20.97 16.57
C THR A 484 22.29 -22.19 17.46
N ASP A 485 23.47 -22.39 18.05
CA ASP A 485 23.69 -23.47 18.99
C ASP A 485 22.76 -23.29 20.19
N ARG A 486 23.09 -22.33 21.03
CA ARG A 486 22.40 -22.10 22.29
C ARG A 486 21.62 -20.78 22.21
N LEU A 487 20.74 -20.61 23.18
CA LEU A 487 20.10 -19.32 23.39
C LEU A 487 20.98 -18.35 24.17
N LYS A 488 22.17 -18.77 24.62
CA LYS A 488 22.96 -17.93 25.52
C LYS A 488 23.50 -16.70 24.80
N GLU A 489 24.37 -16.92 23.80
CA GLU A 489 24.94 -15.77 23.11
C GLU A 489 23.91 -15.00 22.30
N TRP A 490 22.90 -15.68 21.76
CA TRP A 490 21.84 -14.97 21.06
C TRP A 490 21.11 -14.01 21.99
N ASN A 491 20.82 -14.45 23.21
CA ASN A 491 20.06 -13.59 24.11
C ASN A 491 20.84 -12.35 24.55
N GLU A 492 22.16 -12.32 24.40
CA GLU A 492 22.87 -11.10 24.77
C GLU A 492 22.78 -10.08 23.65
N SER A 493 22.84 -10.55 22.40
CA SER A 493 22.59 -9.69 21.26
C SER A 493 21.26 -8.99 21.41
N LEU A 494 20.24 -9.73 21.87
CA LEU A 494 18.93 -9.14 22.09
C LEU A 494 18.97 -8.02 23.13
N ILE A 495 19.69 -8.23 24.23
CA ILE A 495 19.76 -7.15 25.23
C ILE A 495 20.61 -5.99 24.74
N TYR A 496 21.68 -6.25 23.97
CA TYR A 496 22.41 -5.18 23.28
C TYR A 496 21.46 -4.30 22.48
N SER A 497 20.60 -4.92 21.66
CA SER A 497 19.72 -4.18 20.77
C SER A 497 18.66 -3.41 21.55
N ILE A 498 18.06 -4.06 22.56
CA ILE A 498 17.08 -3.38 23.40
C ILE A 498 17.70 -2.19 24.10
N ASP A 499 18.92 -2.36 24.63
CA ASP A 499 19.59 -1.27 25.32
C ASP A 499 19.86 -0.09 24.39
N LYS A 500 20.28 -0.37 23.15
CA LYS A 500 20.58 0.73 22.25
C LYS A 500 19.31 1.42 21.78
N ILE A 501 18.23 0.67 21.53
CA ILE A 501 16.94 1.29 21.20
C ILE A 501 16.54 2.24 22.33
N LYS A 502 16.69 1.81 23.58
CA LYS A 502 16.17 2.60 24.69
C LYS A 502 17.01 3.82 25.01
N GLU A 503 18.29 3.88 24.61
CA GLU A 503 19.02 5.13 24.81
C GLU A 503 18.74 6.14 23.71
N HIS A 504 17.94 5.78 22.70
CA HIS A 504 17.52 6.70 21.64
C HIS A 504 16.02 6.77 21.44
N THR A 505 15.24 5.81 21.94
CA THR A 505 13.79 5.92 21.94
C THR A 505 13.34 5.75 23.38
N GLY A 506 13.04 6.88 24.01
CA GLY A 506 12.44 6.87 25.33
C GLY A 506 12.25 8.30 25.78
N GLN A 507 12.00 8.46 27.08
CA GLN A 507 12.27 9.82 27.57
C GLN A 507 13.76 9.96 27.91
N GLN A 508 14.50 8.84 27.88
CA GLN A 508 15.95 8.89 27.76
C GLN A 508 16.41 9.76 26.60
N PHE A 509 15.56 9.99 25.60
CA PHE A 509 15.82 10.96 24.54
C PHE A 509 15.12 12.30 24.76
N LEU A 510 13.89 12.30 25.28
CA LEU A 510 13.24 13.58 25.56
C LEU A 510 14.04 14.36 26.58
N GLY A 511 14.70 13.66 27.51
CA GLY A 511 15.64 14.33 28.40
C GLY A 511 16.79 14.98 27.65
N LYS A 512 17.47 14.21 26.79
CA LYS A 512 18.57 14.74 25.99
C LYS A 512 18.12 15.91 25.14
N LEU A 513 16.88 15.87 24.63
CA LEU A 513 16.47 16.84 23.63
C LEU A 513 16.23 18.23 24.21
N GLU A 514 15.57 18.30 25.36
CA GLU A 514 15.30 19.63 25.91
C GLU A 514 16.55 20.26 26.52
N LYS A 515 17.53 19.44 26.86
CA LYS A 515 18.86 19.96 27.20
C LYS A 515 19.48 20.69 26.02
N TRP A 516 19.33 20.13 24.82
CA TRP A 516 19.98 20.71 23.65
C TRP A 516 19.32 22.02 23.22
N ILE A 517 17.99 22.05 23.18
CA ILE A 517 17.34 23.30 22.79
C ILE A 517 17.44 24.33 23.92
N GLU A 518 17.53 23.87 25.18
CA GLU A 518 17.93 24.77 26.26
C GLU A 518 19.19 25.53 25.88
N GLU A 519 20.23 24.80 25.45
CA GLU A 519 21.47 25.43 25.01
C GLU A 519 21.22 26.45 23.92
N VAL A 520 20.33 26.10 22.98
CA VAL A 520 20.07 26.97 21.84
C VAL A 520 19.50 28.31 22.30
N LYS A 521 18.77 28.33 23.42
CA LYS A 521 18.12 29.56 23.89
C LYS A 521 19.05 30.43 24.75
N ASN A 522 20.18 29.88 25.19
CA ASN A 522 21.25 30.75 25.69
C ASN A 522 22.06 31.32 24.53
N VAL A 523 22.30 30.49 23.51
CA VAL A 523 22.91 30.95 22.27
C VAL A 523 22.03 31.95 21.52
N LYS A 524 20.73 32.01 21.86
CA LYS A 524 19.74 32.86 21.19
C LYS A 524 19.57 32.47 19.72
N LYS B 125 -12.82 -25.16 -10.70
CA LYS B 125 -13.89 -24.30 -11.25
C LYS B 125 -13.96 -22.86 -10.67
N LEU B 126 -14.69 -22.00 -11.36
CA LEU B 126 -14.94 -20.63 -10.91
C LEU B 126 -16.41 -20.51 -10.54
N PHE B 127 -16.65 -20.20 -9.27
CA PHE B 127 -18.03 -20.17 -8.80
C PHE B 127 -18.75 -18.92 -9.31
N PRO B 128 -20.07 -18.99 -9.47
CA PRO B 128 -20.84 -17.85 -9.98
C PRO B 128 -20.62 -16.57 -9.18
N PRO B 129 -20.36 -16.62 -7.86
CA PRO B 129 -20.07 -15.37 -7.15
C PRO B 129 -18.75 -14.69 -7.53
N THR B 130 -17.93 -15.27 -8.40
CA THR B 130 -16.81 -14.52 -8.97
C THR B 130 -17.22 -13.70 -10.18
N ILE B 131 -18.47 -13.85 -10.64
CA ILE B 131 -18.98 -13.11 -11.79
C ILE B 131 -19.47 -11.77 -11.29
N GLN B 132 -18.98 -10.70 -11.89
CA GLN B 132 -19.49 -9.37 -11.63
C GLN B 132 -20.30 -8.93 -12.84
N VAL B 133 -21.24 -8.03 -12.61
CA VAL B 133 -22.20 -7.64 -13.63
C VAL B 133 -21.82 -6.27 -14.15
N ASN B 134 -21.99 -6.05 -15.44
CA ASN B 134 -21.62 -4.77 -16.03
C ASN B 134 -22.55 -3.69 -15.49
N PRO B 135 -22.02 -2.54 -15.10
CA PRO B 135 -22.88 -1.53 -14.46
C PRO B 135 -23.93 -0.92 -15.38
N ASN B 136 -23.87 -1.13 -16.71
CA ASN B 136 -24.89 -0.53 -17.56
C ASN B 136 -26.17 -1.35 -17.58
N PHE B 137 -26.11 -2.63 -17.20
CA PHE B 137 -27.27 -3.51 -17.19
C PHE B 137 -28.31 -3.01 -16.18
N THR B 138 -29.53 -2.81 -16.64
CA THR B 138 -30.57 -2.21 -15.82
C THR B 138 -31.54 -3.21 -15.20
N GLY B 139 -31.34 -4.50 -15.42
CA GLY B 139 -32.31 -5.51 -15.07
C GLY B 139 -32.07 -6.15 -13.72
N ALA B 140 -32.54 -7.39 -13.60
CA ALA B 140 -32.61 -8.09 -12.32
C ALA B 140 -31.35 -8.92 -12.12
N ILE B 141 -30.68 -8.73 -10.98
CA ILE B 141 -29.48 -9.48 -10.64
C ILE B 141 -29.75 -10.33 -9.41
N SER B 142 -29.52 -11.62 -9.49
CA SER B 142 -29.72 -12.54 -8.41
C SER B 142 -28.74 -13.66 -8.41
N TYR B 143 -28.13 -13.93 -7.29
CA TYR B 143 -27.20 -14.99 -7.18
C TYR B 143 -27.83 -16.10 -6.41
N GLN B 144 -27.93 -17.29 -6.96
CA GLN B 144 -28.47 -18.38 -6.24
C GLN B 144 -27.43 -19.37 -5.86
N GLY B 145 -27.04 -19.35 -4.60
CA GLY B 145 -26.07 -20.24 -4.06
C GLY B 145 -24.81 -20.22 -4.82
N LEU B 146 -24.25 -21.38 -5.08
CA LEU B 146 -23.07 -21.42 -5.85
C LEU B 146 -23.46 -22.14 -7.07
N ASP B 147 -24.72 -22.01 -7.46
CA ASP B 147 -25.25 -22.67 -8.64
C ASP B 147 -25.29 -21.74 -9.85
N TYR B 148 -25.82 -20.57 -9.66
CA TYR B 148 -25.89 -19.71 -10.84
C TYR B 148 -26.17 -18.29 -10.41
N VAL B 149 -25.81 -17.37 -11.28
CA VAL B 149 -26.23 -15.98 -11.17
C VAL B 149 -27.23 -15.74 -12.29
N SER B 150 -28.40 -15.23 -11.95
CA SER B 150 -29.45 -15.01 -12.92
C SER B 150 -29.53 -13.53 -13.26
N LEU B 151 -29.38 -13.21 -14.55
CA LEU B 151 -29.57 -11.88 -15.08
C LEU B 151 -30.78 -11.87 -16.01
N GLU B 152 -31.80 -11.06 -15.66
CA GLU B 152 -33.09 -11.09 -16.34
C GLU B 152 -33.46 -9.66 -16.75
N GLY B 153 -33.67 -9.46 -18.05
CA GLY B 153 -34.06 -8.13 -18.49
C GLY B 153 -33.72 -7.91 -19.95
N GLU B 154 -33.52 -6.64 -20.29
CA GLU B 154 -33.21 -6.24 -21.65
C GLU B 154 -31.70 -6.16 -21.83
N PHE B 155 -31.16 -6.93 -22.77
CA PHE B 155 -29.72 -7.01 -23.01
C PHE B 155 -29.22 -6.12 -24.15
N GLY B 156 -30.12 -5.51 -24.91
CA GLY B 156 -29.75 -4.61 -25.98
C GLY B 156 -29.86 -5.26 -27.35
N GLN B 157 -29.89 -4.42 -28.40
CA GLN B 157 -30.11 -4.92 -29.76
C GLN B 157 -28.93 -5.72 -30.26
N ASP B 158 -27.72 -5.24 -30.07
CA ASP B 158 -26.54 -6.00 -30.45
C ASP B 158 -25.75 -6.46 -29.23
N PHE B 159 -24.90 -7.47 -29.46
CA PHE B 159 -24.08 -8.03 -28.41
C PHE B 159 -23.32 -6.94 -27.69
N ALA B 160 -23.46 -6.93 -26.36
CA ALA B 160 -22.84 -5.93 -25.52
C ALA B 160 -22.56 -6.60 -24.18
N GLN B 161 -21.47 -6.22 -23.54
CA GLN B 161 -21.06 -6.91 -22.32
C GLN B 161 -22.14 -6.81 -21.26
N LEU B 162 -22.55 -7.98 -20.75
CA LEU B 162 -23.51 -8.15 -19.66
C LEU B 162 -22.84 -8.43 -18.33
N ALA B 163 -21.89 -9.36 -18.32
CA ALA B 163 -21.25 -9.81 -17.11
C ALA B 163 -19.83 -10.18 -17.46
N TYR B 164 -19.00 -10.36 -16.43
CA TYR B 164 -17.65 -10.77 -16.68
C TYR B 164 -17.14 -11.51 -15.45
N TRP B 165 -16.14 -12.36 -15.66
CA TRP B 165 -15.50 -13.05 -14.55
C TRP B 165 -14.38 -12.17 -14.02
N ALA B 166 -14.43 -11.87 -12.72
CA ALA B 166 -13.45 -10.96 -12.13
C ALA B 166 -12.12 -11.64 -11.82
N TYR B 167 -12.11 -12.95 -11.69
CA TYR B 167 -10.89 -13.73 -11.50
C TYR B 167 -10.44 -14.35 -12.81
N ASN B 168 -9.16 -14.73 -12.86
CA ASN B 168 -8.56 -15.25 -14.07
C ASN B 168 -8.32 -16.75 -13.94
N ILE B 169 -8.37 -17.42 -15.08
CA ILE B 169 -7.95 -18.81 -15.16
C ILE B 169 -6.52 -18.84 -15.69
N MET B 170 -5.65 -19.56 -14.98
CA MET B 170 -4.28 -19.74 -15.46
C MET B 170 -4.15 -21.04 -16.25
N VAL B 171 -3.52 -20.95 -17.41
CA VAL B 171 -3.11 -22.11 -18.19
C VAL B 171 -1.58 -22.18 -18.10
N GLN B 172 -1.07 -23.26 -17.52
CA GLN B 172 0.35 -23.42 -17.28
C GLN B 172 1.07 -24.05 -18.47
N LYS B 173 2.38 -24.25 -18.32
CA LYS B 173 3.26 -24.41 -19.47
C LYS B 173 3.11 -25.75 -20.17
N THR B 174 2.88 -26.83 -19.43
CA THR B 174 2.74 -28.14 -20.05
C THR B 174 1.39 -28.79 -19.77
N LEU B 175 0.41 -28.01 -19.34
CA LEU B 175 -0.85 -28.54 -18.81
C LEU B 175 -2.01 -27.93 -19.59
N PRO B 176 -2.39 -28.53 -20.73
CA PRO B 176 -3.52 -27.99 -21.48
C PRO B 176 -4.83 -28.14 -20.71
N ILE B 177 -5.71 -27.17 -20.92
CA ILE B 177 -6.95 -27.00 -20.20
C ILE B 177 -8.10 -27.09 -21.19
N GLU B 178 -9.22 -27.67 -20.75
CA GLU B 178 -10.49 -27.54 -21.45
C GLU B 178 -11.54 -27.00 -20.48
N LEU B 179 -12.44 -26.17 -21.01
CA LEU B 179 -13.40 -25.42 -20.21
C LEU B 179 -14.83 -25.83 -20.55
N TRP B 180 -15.65 -25.95 -19.50
CA TRP B 180 -17.08 -26.17 -19.65
C TRP B 180 -17.83 -25.07 -18.91
N LEU B 181 -18.88 -24.55 -19.53
CA LEU B 181 -19.74 -23.60 -18.87
C LEU B 181 -21.12 -24.24 -18.63
N GLU B 182 -21.46 -24.51 -17.37
CA GLU B 182 -22.85 -24.77 -17.00
C GLU B 182 -23.66 -23.50 -17.15
N TYR B 183 -24.84 -23.62 -17.76
CA TYR B 183 -25.65 -22.44 -17.96
C TYR B 183 -27.06 -22.93 -18.32
N GLU B 184 -28.00 -21.99 -18.31
CA GLU B 184 -29.30 -22.23 -18.91
C GLU B 184 -29.94 -20.88 -19.19
N LYS B 185 -30.69 -20.80 -20.28
CA LYS B 185 -31.18 -19.53 -20.80
C LYS B 185 -32.63 -19.68 -21.25
N GLU B 186 -33.34 -18.54 -21.36
CA GLU B 186 -34.77 -18.45 -21.62
C GLU B 186 -35.08 -17.09 -22.24
N GLY B 187 -35.96 -17.08 -23.23
CA GLY B 187 -36.37 -15.84 -23.88
C GLY B 187 -35.68 -15.66 -25.23
N ASN B 188 -36.08 -14.58 -25.92
CA ASN B 188 -35.48 -14.22 -27.22
C ASN B 188 -34.23 -13.39 -26.94
N CYS B 189 -33.18 -14.10 -26.54
CA CYS B 189 -31.89 -13.48 -26.29
C CYS B 189 -30.82 -14.49 -26.67
N ASP B 190 -29.60 -13.99 -26.87
CA ASP B 190 -28.45 -14.84 -27.10
C ASP B 190 -27.29 -14.28 -26.29
N PHE B 191 -26.32 -15.14 -26.00
CA PHE B 191 -25.09 -14.68 -25.39
C PHE B 191 -23.89 -15.40 -26.02
N ARG B 192 -22.71 -14.82 -25.79
CA ARG B 192 -21.44 -15.42 -26.21
C ARG B 192 -20.39 -15.05 -25.19
N LEU B 193 -19.29 -15.79 -25.18
CA LEU B 193 -18.14 -15.41 -24.39
C LEU B 193 -17.12 -14.74 -25.27
N VAL B 194 -16.37 -13.83 -24.70
CA VAL B 194 -15.14 -13.33 -25.30
C VAL B 194 -14.03 -13.70 -24.34
N ILE B 195 -13.14 -14.60 -24.76
CA ILE B 195 -11.99 -15.01 -23.96
C ILE B 195 -10.79 -14.21 -24.42
N ARG B 196 -10.03 -13.66 -23.47
CA ARG B 196 -8.84 -12.89 -23.82
C ARG B 196 -7.62 -13.48 -23.13
N LYS B 197 -6.53 -13.63 -23.87
CA LYS B 197 -5.35 -14.33 -23.39
C LYS B 197 -4.24 -13.34 -23.06
N MET B 198 -3.62 -13.52 -21.91
CA MET B 198 -2.63 -12.60 -21.39
C MET B 198 -1.43 -13.38 -20.91
N TRP B 199 -0.25 -13.00 -21.37
CA TRP B 199 0.96 -13.64 -20.89
C TRP B 199 1.11 -13.37 -19.41
N SER B 200 1.79 -14.29 -18.74
CA SER B 200 2.14 -14.05 -17.34
C SER B 200 2.91 -12.74 -17.23
N GLY B 201 2.42 -11.85 -16.39
CA GLY B 201 3.08 -10.58 -16.27
C GLY B 201 2.60 -9.51 -17.21
N SER B 202 1.75 -9.83 -18.18
CA SER B 202 1.08 -8.75 -18.88
C SER B 202 0.20 -7.98 -17.91
N VAL B 203 0.23 -6.66 -18.02
CA VAL B 203 -0.69 -5.82 -17.26
C VAL B 203 -1.98 -5.58 -18.04
N ASP B 204 -1.85 -5.22 -19.32
CA ASP B 204 -2.99 -4.79 -20.13
C ASP B 204 -3.00 -5.31 -21.56
N ASP B 205 -1.98 -6.04 -22.02
CA ASP B 205 -1.92 -6.49 -23.40
C ASP B 205 -2.44 -7.91 -23.53
N PHE B 206 -3.32 -8.14 -24.50
CA PHE B 206 -3.77 -9.48 -24.85
C PHE B 206 -3.17 -9.90 -26.18
N PHE B 207 -2.78 -11.17 -26.29
CA PHE B 207 -2.32 -11.64 -27.59
C PHE B 207 -3.41 -12.35 -28.42
N GLU B 208 -4.48 -12.87 -27.80
CA GLU B 208 -5.61 -13.42 -28.54
C GLU B 208 -6.92 -12.99 -27.89
N GLU B 209 -7.94 -12.77 -28.73
CA GLU B 209 -9.33 -12.64 -28.32
C GLU B 209 -10.15 -13.66 -29.11
N VAL B 210 -10.89 -14.49 -28.39
CA VAL B 210 -11.61 -15.62 -28.96
C VAL B 210 -13.08 -15.42 -28.64
N ILE B 211 -13.90 -15.20 -29.65
CA ILE B 211 -15.34 -15.24 -29.49
C ILE B 211 -15.79 -16.70 -29.43
N VAL B 212 -16.48 -17.06 -28.36
CA VAL B 212 -17.08 -18.38 -28.21
C VAL B 212 -18.60 -18.22 -28.31
N SER B 213 -19.24 -18.98 -29.21
CA SER B 213 -20.68 -18.93 -29.38
C SER B 213 -21.38 -19.98 -28.51
N GLU B 214 -22.71 -19.91 -28.46
CA GLU B 214 -23.47 -20.85 -27.65
C GLU B 214 -23.34 -22.27 -28.18
N LYS B 215 -23.20 -22.41 -29.51
CA LYS B 215 -23.02 -23.72 -30.11
C LYS B 215 -21.61 -24.23 -29.86
N ASP B 216 -20.62 -23.32 -29.83
CA ASP B 216 -19.27 -23.70 -29.45
C ASP B 216 -19.25 -24.33 -28.07
N LEU B 217 -20.17 -23.90 -27.19
CA LEU B 217 -20.23 -24.35 -25.81
C LEU B 217 -20.86 -25.72 -25.65
N GLU B 218 -21.44 -26.27 -26.71
CA GLU B 218 -21.88 -27.66 -26.63
C GLU B 218 -20.72 -28.61 -26.47
N GLN B 219 -19.50 -28.17 -26.77
CA GLN B 219 -18.28 -28.95 -26.59
C GLN B 219 -17.33 -28.21 -25.64
N ALA B 220 -16.39 -28.95 -25.06
CA ALA B 220 -15.36 -28.30 -24.27
C ALA B 220 -14.54 -27.35 -25.13
N LEU B 221 -14.03 -26.30 -24.50
CA LEU B 221 -13.15 -25.34 -25.18
C LEU B 221 -11.71 -25.71 -24.86
N PHE B 222 -10.91 -25.92 -25.90
CA PHE B 222 -9.52 -26.30 -25.72
C PHE B 222 -8.65 -25.06 -25.61
N MET B 223 -7.90 -24.96 -24.52
CA MET B 223 -6.84 -23.98 -24.37
C MET B 223 -5.53 -24.75 -24.30
N ASP B 224 -4.73 -24.65 -25.36
CA ASP B 224 -3.47 -25.38 -25.45
C ASP B 224 -2.40 -24.70 -24.59
N SER B 225 -1.53 -25.53 -24.02
CA SER B 225 -0.26 -25.09 -23.45
C SER B 225 0.48 -24.20 -24.42
N ARG B 226 1.37 -23.36 -23.89
CA ARG B 226 2.18 -22.50 -24.73
C ARG B 226 3.58 -22.44 -24.11
N ASP B 227 4.44 -21.61 -24.70
CA ASP B 227 5.81 -21.54 -24.20
C ASP B 227 5.89 -20.82 -22.87
N GLY B 228 4.98 -19.88 -22.61
CA GLY B 228 4.86 -19.31 -21.28
C GLY B 228 3.52 -19.59 -20.64
N ASP B 229 3.45 -19.53 -19.32
CA ASP B 229 2.16 -19.51 -18.65
C ASP B 229 1.38 -18.27 -19.10
N TYR B 230 0.07 -18.42 -19.26
CA TYR B 230 -0.77 -17.28 -19.63
C TYR B 230 -2.06 -17.35 -18.84
N PHE B 231 -2.85 -16.28 -18.93
CA PHE B 231 -4.06 -16.14 -18.14
C PHE B 231 -5.24 -15.78 -19.03
N LEU B 232 -6.43 -16.21 -18.62
CA LEU B 232 -7.66 -15.90 -19.33
C LEU B 232 -8.46 -14.86 -18.55
N SER B 233 -9.09 -13.92 -19.28
CA SER B 233 -10.13 -13.09 -18.69
C SER B 233 -11.33 -13.05 -19.63
N ILE B 234 -12.48 -13.44 -19.10
CA ILE B 234 -13.61 -13.92 -19.89
C ILE B 234 -14.82 -13.00 -19.67
N SER B 235 -15.34 -12.46 -20.75
CA SER B 235 -16.51 -11.61 -20.78
C SER B 235 -17.73 -12.41 -21.20
N VAL B 236 -18.90 -11.97 -20.76
CA VAL B 236 -20.18 -12.48 -21.26
C VAL B 236 -20.86 -11.31 -21.96
N GLU B 237 -21.02 -11.42 -23.27
CA GLU B 237 -21.78 -10.45 -24.05
C GLU B 237 -23.15 -11.07 -24.34
N ALA B 238 -24.16 -10.21 -24.42
CA ALA B 238 -25.53 -10.69 -24.61
C ALA B 238 -26.30 -9.67 -25.43
N ARG B 239 -27.33 -10.16 -26.11
CA ARG B 239 -28.27 -9.30 -26.82
C ARG B 239 -29.65 -9.94 -26.73
N GLY B 240 -30.68 -9.12 -26.98
CA GLY B 240 -32.05 -9.58 -26.93
C GLY B 240 -32.75 -9.34 -25.61
N ARG B 241 -33.65 -10.24 -25.23
CA ARG B 241 -34.41 -10.10 -23.99
C ARG B 241 -34.61 -11.48 -23.36
N GLY B 242 -34.49 -11.58 -22.04
CA GLY B 242 -34.70 -12.88 -21.44
C GLY B 242 -34.04 -13.01 -20.08
N THR B 243 -33.74 -14.27 -19.74
CA THR B 243 -33.16 -14.65 -18.46
C THR B 243 -31.95 -15.52 -18.76
N ILE B 244 -30.74 -15.05 -18.44
CA ILE B 244 -29.52 -15.82 -18.59
C ILE B 244 -29.03 -16.25 -17.20
N LYS B 245 -28.91 -17.55 -16.98
CA LYS B 245 -28.36 -18.11 -15.74
C LYS B 245 -26.95 -18.63 -16.01
N LEU B 246 -25.94 -17.85 -15.63
CA LEU B 246 -24.56 -18.26 -15.77
C LEU B 246 -24.17 -19.13 -14.57
N GLY B 247 -23.60 -20.30 -14.85
CA GLY B 247 -23.28 -21.19 -13.76
C GLY B 247 -21.80 -21.33 -13.52
N ASN B 248 -21.37 -22.55 -13.18
CA ASN B 248 -19.99 -22.80 -12.85
C ASN B 248 -19.14 -22.87 -14.12
N LEU B 249 -17.98 -22.24 -14.08
CA LEU B 249 -17.02 -22.29 -15.19
C LEU B 249 -15.99 -23.36 -14.87
N HIS B 250 -16.06 -24.49 -15.56
CA HIS B 250 -15.24 -25.66 -15.22
C HIS B 250 -13.96 -25.67 -16.02
N GLN B 251 -12.93 -26.27 -15.43
CA GLN B 251 -11.61 -26.37 -16.02
C GLN B 251 -11.02 -27.74 -15.75
N ARG B 252 -10.58 -28.43 -16.80
CA ARG B 252 -10.03 -29.78 -16.67
C ARG B 252 -8.88 -29.96 -17.64
N TRP B 253 -8.21 -31.11 -17.55
CA TRP B 253 -7.09 -31.45 -18.42
C TRP B 253 -7.52 -31.90 -19.81
N ILE C 2 -15.78 11.26 -13.45
CA ILE C 2 -17.02 11.67 -12.76
C ILE C 2 -17.50 10.70 -11.62
N ILE C 3 -17.38 11.12 -10.34
CA ILE C 3 -17.51 10.21 -9.20
C ILE C 3 -18.68 10.61 -8.30
N THR C 4 -19.48 9.62 -7.90
CA THR C 4 -20.69 9.81 -7.12
C THR C 4 -20.38 9.68 -5.63
N GLN C 5 -20.97 10.56 -4.82
CA GLN C 5 -20.65 10.67 -3.40
C GLN C 5 -21.53 9.77 -2.53
N ARG C 6 -20.90 9.04 -1.60
CA ARG C 6 -21.55 8.09 -0.71
C ARG C 6 -21.33 8.47 0.75
N GLN C 7 -22.41 8.63 1.50
CA GLN C 7 -22.30 8.78 2.95
C GLN C 7 -22.18 7.45 3.68
N SER C 8 -22.33 6.32 2.99
CA SER C 8 -22.54 5.04 3.67
C SER C 8 -21.77 3.94 2.96
N ILE C 9 -21.62 2.81 3.65
CA ILE C 9 -20.93 1.63 3.14
C ILE C 9 -21.97 0.59 2.75
N HIS C 10 -21.84 0.03 1.54
CA HIS C 10 -22.79 -0.96 1.03
C HIS C 10 -22.21 -2.37 1.07
N TRP C 11 -23.04 -3.32 0.66
CA TRP C 11 -22.60 -4.72 0.56
C TRP C 11 -21.45 -4.87 -0.45
N GLY C 12 -21.49 -4.12 -1.56
CA GLY C 12 -20.53 -4.36 -2.61
C GLY C 12 -20.77 -5.68 -3.31
N GLU C 13 -19.70 -6.24 -3.86
CA GLU C 13 -19.77 -7.46 -4.64
C GLU C 13 -20.04 -8.68 -3.74
N VAL C 14 -20.55 -9.75 -4.35
CA VAL C 14 -20.97 -10.92 -3.58
C VAL C 14 -19.80 -11.78 -3.13
N GLY C 15 -18.70 -11.74 -3.86
CA GLY C 15 -17.54 -12.56 -3.54
C GLY C 15 -17.31 -12.64 -2.04
N GLY C 16 -17.31 -13.86 -1.51
CA GLY C 16 -17.06 -14.08 -0.10
C GLY C 16 -18.27 -13.97 0.81
N THR C 17 -19.47 -13.90 0.26
CA THR C 17 -20.65 -14.00 1.07
C THR C 17 -20.92 -15.47 1.35
N TYR C 18 -21.47 -15.78 2.52
CA TYR C 18 -21.83 -17.17 2.79
C TYR C 18 -22.92 -17.55 1.81
N MET C 19 -22.65 -18.53 0.94
CA MET C 19 -23.56 -18.79 -0.17
C MET C 19 -24.24 -20.14 -0.14
N TYR C 20 -23.90 -21.01 0.80
CA TYR C 20 -24.52 -22.33 0.89
C TYR C 20 -26.00 -22.17 1.24
N GLY C 21 -26.86 -22.29 0.23
CA GLY C 21 -28.29 -22.14 0.41
C GLY C 21 -28.80 -20.72 0.33
N THR C 22 -28.01 -19.80 -0.22
CA THR C 22 -28.25 -18.36 -0.11
C THR C 22 -28.56 -17.80 -1.47
N THR C 23 -29.65 -17.04 -1.58
CA THR C 23 -29.81 -16.18 -2.74
C THR C 23 -29.61 -14.73 -2.29
N VAL C 24 -28.94 -13.96 -3.14
CA VAL C 24 -28.59 -12.58 -2.89
C VAL C 24 -29.02 -11.77 -4.09
N SER C 25 -29.94 -10.85 -3.90
CA SER C 25 -30.52 -10.07 -4.98
C SER C 25 -30.08 -8.62 -4.87
N TYR C 26 -29.76 -8.01 -5.99
CA TYR C 26 -29.32 -6.62 -6.02
C TYR C 26 -30.39 -5.70 -6.58
N TYR C 27 -30.41 -4.47 -6.08
CA TYR C 27 -31.37 -3.45 -6.49
C TYR C 27 -30.63 -2.16 -6.83
N PRO C 28 -31.30 -1.23 -7.54
CA PRO C 28 -30.58 -0.02 -8.01
C PRO C 28 -30.07 0.92 -6.90
N ASP C 29 -30.68 0.90 -5.70
CA ASP C 29 -30.21 1.73 -4.59
C ASP C 29 -28.98 1.16 -3.90
N LYS C 30 -28.32 0.16 -4.51
CA LYS C 30 -27.17 -0.59 -4.00
C LYS C 30 -27.54 -1.47 -2.80
N SER C 31 -28.81 -1.56 -2.43
CA SER C 31 -29.20 -2.46 -1.35
C SER C 31 -29.13 -3.89 -1.83
N VAL C 32 -29.45 -4.81 -0.94
CA VAL C 32 -29.26 -6.23 -1.20
C VAL C 32 -30.28 -7.00 -0.37
N ARG C 33 -30.84 -8.07 -0.96
CA ARG C 33 -31.82 -8.91 -0.29
C ARG C 33 -31.26 -10.32 -0.11
N LEU C 34 -31.30 -10.83 1.11
CA LEU C 34 -30.80 -12.16 1.38
C LEU C 34 -31.92 -13.10 1.77
N TYR C 35 -31.76 -14.37 1.41
CA TYR C 35 -32.71 -15.42 1.76
C TYR C 35 -31.95 -16.71 1.92
N ASN C 36 -32.18 -17.43 3.03
CA ASN C 36 -31.53 -18.71 3.26
C ASN C 36 -32.28 -19.50 4.33
N PRO C 37 -33.21 -20.38 3.93
CA PRO C 37 -33.97 -21.14 4.93
C PRO C 37 -33.14 -22.14 5.70
N LEU C 38 -32.26 -22.87 5.02
CA LEU C 38 -31.43 -23.90 5.66
C LEU C 38 -30.26 -23.32 6.46
N LEU C 39 -30.43 -22.21 7.18
CA LEU C 39 -29.28 -21.54 7.75
C LEU C 39 -29.31 -21.55 9.27
N PRO C 40 -28.35 -22.23 9.90
CA PRO C 40 -28.19 -22.12 11.35
C PRO C 40 -27.56 -20.79 11.75
N SER C 41 -27.53 -20.57 13.06
CA SER C 41 -26.93 -19.39 13.66
C SER C 41 -25.42 -19.54 13.74
N GLY C 42 -24.76 -18.38 13.89
CA GLY C 42 -23.35 -18.35 14.17
C GLY C 42 -22.44 -18.38 12.97
N GLU C 43 -23.00 -18.26 11.76
CA GLU C 43 -22.19 -18.25 10.56
C GLU C 43 -22.00 -16.82 10.08
N ILE C 44 -20.84 -16.56 9.48
CA ILE C 44 -20.49 -15.21 9.00
C ILE C 44 -21.11 -15.03 7.63
N LEU C 45 -22.09 -14.13 7.53
CA LEU C 45 -22.73 -13.84 6.24
C LEU C 45 -21.81 -13.07 5.31
N LYS C 46 -21.27 -11.96 5.78
CA LYS C 46 -20.45 -11.07 4.96
C LYS C 46 -19.35 -10.52 5.84
N THR C 47 -18.22 -10.18 5.24
CA THR C 47 -17.20 -9.42 5.95
C THR C 47 -16.73 -8.26 5.09
N TRP C 48 -16.60 -7.08 5.69
CA TRP C 48 -16.02 -5.92 5.04
C TRP C 48 -14.58 -5.71 5.51
N PHE C 49 -13.71 -5.31 4.60
CA PHE C 49 -12.30 -5.20 4.91
C PHE C 49 -11.82 -3.76 4.78
N SER C 50 -10.76 -3.46 5.53
CA SER C 50 -10.18 -2.12 5.50
C SER C 50 -8.88 -2.03 4.73
N SER C 51 -8.27 -3.17 4.37
CA SER C 51 -7.12 -3.19 3.48
C SER C 51 -7.13 -4.51 2.71
N VAL C 52 -6.97 -4.45 1.39
CA VAL C 52 -7.01 -5.63 0.54
C VAL C 52 -5.98 -5.46 -0.56
N ASN C 53 -5.52 -6.59 -1.09
CA ASN C 53 -4.68 -6.58 -2.26
C ASN C 53 -5.56 -6.84 -3.48
N TYR C 54 -5.44 -5.98 -4.52
CA TYR C 54 -6.33 -6.12 -5.67
C TYR C 54 -6.28 -7.51 -6.26
N GLN C 55 -5.09 -8.12 -6.33
CA GLN C 55 -4.98 -9.37 -7.09
C GLN C 55 -5.85 -10.45 -6.46
N ALA C 56 -5.88 -10.48 -5.13
CA ALA C 56 -6.64 -11.46 -4.38
C ALA C 56 -8.10 -11.05 -4.21
N ALA C 57 -8.34 -9.76 -3.92
CA ALA C 57 -9.69 -9.27 -3.63
C ALA C 57 -10.47 -8.95 -4.88
N ARG C 58 -9.84 -8.25 -5.83
CA ARG C 58 -10.51 -7.78 -7.05
C ARG C 58 -11.78 -6.97 -6.75
N THR C 59 -11.79 -6.33 -5.59
CA THR C 59 -12.56 -5.14 -5.30
C THR C 59 -11.60 -4.18 -4.63
N GLN C 60 -12.11 -3.06 -4.24
CA GLN C 60 -11.45 -2.13 -3.36
C GLN C 60 -11.90 -2.36 -1.92
N PRO C 61 -11.13 -1.92 -0.92
CA PRO C 61 -11.60 -2.02 0.46
C PRO C 61 -12.87 -1.22 0.66
N GLN C 62 -13.72 -1.71 1.57
CA GLN C 62 -15.01 -1.05 1.83
C GLN C 62 -15.00 -0.21 3.09
N LEU C 63 -14.10 -0.50 4.04
CA LEU C 63 -13.98 0.19 5.32
C LEU C 63 -12.94 1.30 5.25
N PRO C 64 -13.20 2.42 5.92
CA PRO C 64 -12.25 3.53 5.94
C PRO C 64 -11.10 3.31 6.91
N LEU C 65 -9.97 3.96 6.60
CA LEU C 65 -8.87 4.07 7.56
C LEU C 65 -9.35 4.68 8.87
N LEU C 66 -9.00 4.05 9.98
CA LEU C 66 -9.30 4.58 11.30
C LEU C 66 -8.02 4.97 12.05
N LYS C 67 -8.17 5.89 12.99
CA LYS C 67 -7.06 6.40 13.76
C LYS C 67 -6.99 5.66 15.09
N ARG C 68 -5.79 5.20 15.44
CA ARG C 68 -5.60 4.43 16.67
C ARG C 68 -5.98 5.29 17.87
N LYS C 69 -6.76 4.68 18.80
CA LYS C 69 -7.28 5.27 20.06
C LYS C 69 -8.47 6.22 19.85
N GLN C 70 -9.05 6.26 18.67
CA GLN C 70 -10.17 7.13 18.37
C GLN C 70 -11.50 6.38 18.52
N GLU C 71 -12.52 7.07 19.05
CA GLU C 71 -13.83 6.45 19.22
C GLU C 71 -14.70 6.72 17.99
N TYR C 72 -15.50 5.72 17.61
CA TYR C 72 -16.30 5.78 16.40
C TYR C 72 -17.71 5.25 16.66
N GLN C 73 -18.66 5.82 15.92
CA GLN C 73 -20.07 5.44 16.01
C GLN C 73 -20.39 4.63 14.76
N LEU C 74 -20.76 3.37 14.94
CA LEU C 74 -21.16 2.50 13.83
C LEU C 74 -22.67 2.37 13.78
N SER C 75 -23.26 2.61 12.61
CA SER C 75 -24.72 2.60 12.44
C SER C 75 -25.11 1.68 11.29
N LEU C 76 -25.79 0.57 11.59
CA LEU C 76 -26.31 -0.34 10.58
C LEU C 76 -27.75 -0.03 10.25
N VAL C 77 -28.11 -0.12 8.97
CA VAL C 77 -29.44 0.17 8.48
C VAL C 77 -29.90 -1.02 7.63
N PHE C 78 -30.82 -1.81 8.17
CA PHE C 78 -31.36 -2.95 7.45
C PHE C 78 -32.71 -3.31 8.05
N ASP C 79 -33.49 -4.08 7.30
CA ASP C 79 -34.75 -4.63 7.76
C ASP C 79 -34.58 -6.13 7.86
N CYS C 80 -34.76 -6.68 9.05
CA CYS C 80 -34.63 -8.11 9.27
C CYS C 80 -35.93 -8.65 9.86
N GLN C 81 -36.29 -9.90 9.53
CA GLN C 81 -37.70 -10.17 9.85
C GLN C 81 -37.88 -10.54 11.32
N PRO C 82 -37.26 -11.59 11.85
CA PRO C 82 -37.03 -11.55 13.29
C PRO C 82 -36.04 -10.41 13.49
N GLU C 83 -36.36 -9.46 14.37
CA GLU C 83 -35.54 -8.25 14.44
C GLU C 83 -34.11 -8.57 14.81
N ASN C 84 -33.89 -9.70 15.49
CA ASN C 84 -32.57 -10.17 15.87
C ASN C 84 -32.08 -11.31 14.99
N GLY C 85 -32.54 -11.37 13.74
CA GLY C 85 -32.15 -12.44 12.84
C GLY C 85 -30.69 -12.39 12.42
N VAL C 86 -30.04 -11.24 12.62
CA VAL C 86 -28.62 -11.06 12.30
C VAL C 86 -28.00 -10.19 13.39
N TYR C 87 -26.71 -10.41 13.66
CA TYR C 87 -25.99 -9.50 14.55
C TYR C 87 -24.61 -9.21 13.96
N THR C 88 -23.83 -8.40 14.66
CA THR C 88 -22.60 -7.88 14.12
C THR C 88 -21.43 -8.22 15.05
N LYS C 89 -20.29 -8.49 14.45
CA LYS C 89 -19.06 -8.55 15.21
C LYS C 89 -18.03 -7.71 14.49
N ILE C 90 -17.15 -7.08 15.26
CA ILE C 90 -16.07 -6.27 14.71
C ILE C 90 -14.76 -6.76 15.32
N THR C 91 -13.77 -7.03 14.47
CA THR C 91 -12.53 -7.70 14.87
C THR C 91 -11.34 -6.85 14.49
N PHE C 92 -10.41 -6.65 15.44
CA PHE C 92 -9.23 -5.83 15.25
C PHE C 92 -7.98 -6.71 15.18
N PHE C 93 -7.13 -6.44 14.18
CA PHE C 93 -5.93 -7.22 13.90
C PHE C 93 -4.70 -6.33 13.97
N ASP C 94 -3.62 -6.84 14.56
CA ASP C 94 -2.40 -6.04 14.62
C ASP C 94 -1.64 -6.12 13.30
N ARG C 95 -0.46 -5.49 13.28
CA ARG C 95 0.33 -5.40 12.05
C ARG C 95 0.69 -6.77 11.50
N TYR C 96 0.83 -7.78 12.36
CA TYR C 96 1.24 -9.12 11.97
C TYR C 96 0.06 -10.08 11.78
N GLY C 97 -1.18 -9.59 11.85
CA GLY C 97 -2.33 -10.44 11.60
C GLY C 97 -2.97 -11.10 12.81
N ASP C 98 -2.46 -10.88 14.02
CA ASP C 98 -3.04 -11.47 15.21
C ASP C 98 -4.25 -10.67 15.69
N ILE C 99 -5.27 -11.39 16.15
CA ILE C 99 -6.44 -10.73 16.70
C ILE C 99 -6.04 -10.05 17.99
N LEU C 100 -6.37 -8.76 18.11
CA LEU C 100 -6.30 -8.06 19.39
C LEU C 100 -7.59 -8.16 20.18
N GLU C 101 -8.75 -8.26 19.51
CA GLU C 101 -10.03 -8.00 20.15
C GLU C 101 -11.19 -8.27 19.17
N LYS C 102 -12.24 -8.93 19.67
CA LYS C 102 -13.51 -9.16 18.97
C LYS C 102 -14.64 -8.58 19.79
N LYS C 103 -15.37 -7.62 19.24
CA LYS C 103 -16.61 -7.14 19.84
C LYS C 103 -17.76 -7.84 19.15
N VAL C 104 -18.77 -8.20 19.92
CA VAL C 104 -20.06 -8.63 19.39
C VAL C 104 -21.08 -7.57 19.80
N GLU C 105 -21.92 -7.17 18.86
CA GLU C 105 -23.00 -6.25 19.15
C GLU C 105 -24.28 -6.79 18.56
N LYS C 106 -25.34 -6.81 19.36
CA LYS C 106 -26.65 -7.27 18.90
C LYS C 106 -27.63 -6.12 18.74
N VAL C 107 -27.13 -4.94 18.33
CA VAL C 107 -27.96 -3.78 18.05
C VAL C 107 -27.40 -3.08 16.81
N LYS C 108 -28.14 -2.08 16.33
CA LYS C 108 -27.82 -1.44 15.06
C LYS C 108 -26.94 -0.20 15.21
N ASP C 109 -26.73 0.29 16.43
CA ASP C 109 -25.93 1.49 16.67
C ASP C 109 -25.07 1.23 17.90
N PHE C 110 -23.76 1.28 17.75
CA PHE C 110 -22.93 1.11 18.92
C PHE C 110 -21.68 1.96 18.76
N ILE C 111 -20.91 2.04 19.85
CA ILE C 111 -19.69 2.82 19.87
C ILE C 111 -18.54 1.87 20.14
N PHE C 112 -17.47 1.99 19.36
CA PHE C 112 -16.27 1.22 19.58
C PHE C 112 -15.07 2.14 19.53
N THR C 113 -13.97 1.66 20.11
CA THR C 113 -12.70 2.37 20.04
C THR C 113 -11.73 1.60 19.17
N TYR C 114 -11.03 2.30 18.31
CA TYR C 114 -10.04 1.63 17.49
C TYR C 114 -8.81 1.32 18.35
N PRO C 115 -8.54 0.05 18.63
CA PRO C 115 -7.51 -0.31 19.62
C PRO C 115 -6.14 0.26 19.28
N GLU C 116 -5.35 0.51 20.33
CA GLU C 116 -4.13 1.30 20.13
C GLU C 116 -3.08 0.55 19.31
N ASP C 117 -3.14 -0.78 19.23
CA ASP C 117 -2.17 -1.54 18.46
C ASP C 117 -2.70 -2.00 17.10
N SER C 118 -3.84 -1.48 16.64
CA SER C 118 -4.49 -2.02 15.46
C SER C 118 -3.78 -1.63 14.19
N TYR C 119 -4.00 -2.42 13.14
CA TYR C 119 -3.49 -2.08 11.81
C TYR C 119 -4.53 -2.34 10.72
N THR C 120 -5.32 -3.41 10.83
CA THR C 120 -6.49 -3.57 9.98
C THR C 120 -7.68 -4.04 10.82
N TYR C 121 -8.88 -3.97 10.25
CA TYR C 121 -10.06 -4.43 10.97
C TYR C 121 -11.13 -4.87 9.99
N ARG C 122 -12.06 -5.66 10.51
CA ARG C 122 -13.11 -6.26 9.71
C ARG C 122 -14.41 -6.18 10.47
N VAL C 123 -15.46 -5.76 9.77
CA VAL C 123 -16.84 -5.81 10.26
C VAL C 123 -17.51 -6.99 9.60
N SER C 124 -18.20 -7.81 10.40
CA SER C 124 -18.87 -9.01 9.93
C SER C 124 -20.32 -8.95 10.34
N LEU C 125 -21.18 -9.46 9.47
CA LEU C 125 -22.56 -9.74 9.84
C LEU C 125 -22.71 -11.23 10.05
N LEU C 126 -23.34 -11.62 11.16
CA LEU C 126 -23.54 -13.02 11.50
C LEU C 126 -25.03 -13.37 11.49
N SER C 127 -25.32 -14.64 11.27
CA SER C 127 -26.70 -15.04 11.09
C SER C 127 -27.29 -15.53 12.40
N ALA C 128 -28.60 -15.34 12.54
CA ALA C 128 -29.38 -15.82 13.68
C ALA C 128 -30.76 -16.26 13.20
N GLY C 129 -30.81 -16.96 12.05
CA GLY C 129 -32.04 -17.54 11.54
C GLY C 129 -33.07 -16.52 11.09
N PHE C 130 -32.62 -15.56 10.30
CA PHE C 130 -33.51 -14.60 9.68
C PHE C 130 -34.32 -15.28 8.57
N GLU C 131 -35.60 -14.92 8.46
CA GLU C 131 -36.37 -15.26 7.27
C GLU C 131 -36.02 -14.35 6.11
N SER C 132 -36.24 -13.05 6.29
CA SER C 132 -36.04 -12.03 5.29
C SER C 132 -35.01 -11.05 5.80
N LEU C 133 -34.07 -10.66 4.93
CA LEU C 133 -33.13 -9.58 5.23
C LEU C 133 -32.99 -8.69 4.02
N THR C 134 -33.31 -7.41 4.18
CA THR C 134 -32.91 -6.39 3.21
C THR C 134 -31.81 -5.60 3.89
N PHE C 135 -30.61 -5.60 3.30
CA PHE C 135 -29.49 -4.83 3.83
C PHE C 135 -29.34 -3.57 3.00
N TYR C 136 -29.41 -2.42 3.66
CA TYR C 136 -29.25 -1.15 2.96
C TYR C 136 -27.79 -0.71 2.98
N HIS C 137 -27.24 -0.47 4.17
CA HIS C 137 -25.89 0.09 4.31
C HIS C 137 -25.57 0.24 5.79
N PHE C 138 -24.32 0.56 6.09
CA PHE C 138 -23.92 1.03 7.40
C PHE C 138 -22.94 2.17 7.24
N SER C 139 -22.53 2.75 8.37
CA SER C 139 -21.61 3.87 8.33
C SER C 139 -20.78 3.85 9.60
N ILE C 140 -19.64 4.54 9.53
CA ILE C 140 -18.68 4.63 10.62
C ILE C 140 -18.23 6.09 10.69
N LYS C 141 -18.54 6.78 11.78
CA LYS C 141 -18.27 8.20 11.89
C LYS C 141 -17.44 8.47 13.14
N GLU C 142 -16.57 9.46 13.04
CA GLU C 142 -15.83 9.92 14.21
C GLU C 142 -16.79 10.47 15.27
N ILE C 143 -16.31 10.43 16.51
CA ILE C 143 -16.98 11.06 17.64
C ILE C 143 -16.08 12.17 18.16
N ARG C 144 -16.60 13.40 18.19
CA ARG C 144 -15.88 14.61 18.66
C ARG C 144 -15.11 14.33 19.96
#